data_6Y45
#
_entry.id   6Y45
#
_cell.length_a   37.920
_cell.length_b   117.000
_cell.length_c   71.330
_cell.angle_alpha   90.000
_cell.angle_beta   95.830
_cell.angle_gamma   90.000
#
_symmetry.space_group_name_H-M   'P 1 21 1'
#
loop_
_entity.id
_entity.type
_entity.pdbx_description
1 polymer 'Rrf2 family transcriptional regulator'
2 non-polymer 'FE2/S2 (INORGANIC) CLUSTER'
3 non-polymer (4S)-2-METHYL-2,4-PENTANEDIOL
4 non-polymer 'SULFATE ION'
5 non-polymer 'SODIUM ION'
6 non-polymer '2-(N-MORPHOLINO)-ETHANESULFONIC ACID'
7 water water
#
_entity_poly.entity_id   1
_entity_poly.type   'polypeptide(L)'
_entity_poly.pdbx_seq_one_letter_code
;MKLSGGVEWALHCCVVLTAASRPVPAARLAELADVSPSYLAKQMQALSRAGLVRSVQGKTGGYVLTRPAVEITLLDVVQA
VDGPDPAFVCTEIRQRGPLATPPEKCTKACPIARAMGAAEAAWRASLAATTIADLVATVDDESGPDALPGVGAWLIEGLG
HHHHHH
;
_entity_poly.pdbx_strand_id   A,B,C,D
#
loop_
_chem_comp.id
_chem_comp.type
_chem_comp.name
_chem_comp.formula
FES non-polymer 'FE2/S2 (INORGANIC) CLUSTER' 'Fe2 S2'
MES non-polymer '2-(N-MORPHOLINO)-ETHANESULFONIC ACID' 'C6 H13 N O4 S'
MPD non-polymer (4S)-2-METHYL-2,4-PENTANEDIOL 'C6 H14 O2'
NA non-polymer 'SODIUM ION' 'Na 1'
SO4 non-polymer 'SULFATE ION' 'O4 S -2'
#
# COMPACT_ATOMS: atom_id res chain seq x y z
N MET A 1 -10.77 -16.14 10.57
CA MET A 1 -11.12 -15.27 9.40
C MET A 1 -10.34 -15.76 8.18
N LYS A 2 -11.04 -16.04 7.07
CA LYS A 2 -10.42 -16.56 5.82
C LYS A 2 -11.24 -16.18 4.58
N LEU A 3 -10.58 -15.64 3.57
CA LEU A 3 -11.11 -15.55 2.18
C LEU A 3 -11.11 -16.94 1.55
N SER A 4 -12.13 -17.26 0.76
CA SER A 4 -12.23 -18.57 0.08
C SER A 4 -11.05 -18.73 -0.88
N GLY A 5 -10.70 -19.98 -1.21
CA GLY A 5 -9.57 -20.33 -2.08
C GLY A 5 -9.70 -19.75 -3.47
N GLY A 6 -10.93 -19.45 -3.89
CA GLY A 6 -11.23 -18.94 -5.24
C GLY A 6 -10.61 -17.56 -5.48
N VAL A 7 -10.34 -16.79 -4.44
CA VAL A 7 -9.76 -15.43 -4.60
C VAL A 7 -8.37 -15.55 -5.26
N GLU A 8 -7.50 -16.37 -4.69
CA GLU A 8 -6.14 -16.62 -5.24
C GLU A 8 -6.25 -16.99 -6.73
N TRP A 9 -7.09 -17.97 -7.06
CA TRP A 9 -7.28 -18.43 -8.46
C TRP A 9 -7.79 -17.31 -9.36
N ALA A 10 -8.80 -16.54 -8.92
CA ALA A 10 -9.41 -15.50 -9.76
C ALA A 10 -8.40 -14.40 -10.04
N LEU A 11 -7.58 -14.01 -9.04
CA LEU A 11 -6.57 -12.94 -9.21
C LEU A 11 -5.53 -13.43 -10.24
N HIS A 12 -5.08 -14.66 -10.12
CA HIS A 12 -4.11 -15.23 -11.10
C HIS A 12 -4.73 -15.27 -12.50
N CYS A 13 -5.99 -15.70 -12.62
CA CYS A 13 -6.72 -15.79 -13.91
C CYS A 13 -6.73 -14.39 -14.57
N CYS A 14 -7.08 -13.35 -13.83
CA CYS A 14 -7.13 -11.96 -14.38
C CYS A 14 -5.75 -11.57 -14.91
N VAL A 15 -4.68 -11.87 -14.17
CA VAL A 15 -3.29 -11.51 -14.58
C VAL A 15 -2.95 -12.23 -15.89
N VAL A 16 -3.20 -13.54 -15.99
CA VAL A 16 -2.75 -14.28 -17.20
C VAL A 16 -3.61 -13.86 -18.40
N LEU A 17 -4.88 -13.49 -18.22
CA LEU A 17 -5.74 -13.03 -19.34
C LEU A 17 -5.15 -11.74 -19.94
N THR A 18 -4.50 -10.87 -19.16
CA THR A 18 -3.83 -9.67 -19.72
C THR A 18 -2.77 -10.09 -20.75
N ALA A 19 -2.10 -11.23 -20.56
CA ALA A 19 -0.99 -11.67 -21.44
C ALA A 19 -1.49 -12.33 -22.72
N ALA A 20 -2.77 -12.67 -22.83
CA ALA A 20 -3.32 -13.35 -24.02
C ALA A 20 -3.89 -12.31 -25.01
N SER A 21 -3.60 -12.50 -26.30
CA SER A 21 -4.04 -11.62 -27.42
C SER A 21 -5.32 -12.16 -28.06
N ARG A 22 -5.86 -13.23 -27.51
CA ARG A 22 -7.08 -13.85 -28.04
C ARG A 22 -7.93 -14.30 -26.86
N PRO A 23 -9.21 -14.66 -27.10
CA PRO A 23 -10.00 -15.32 -26.09
C PRO A 23 -9.30 -16.62 -25.65
N VAL A 24 -9.34 -16.89 -24.36
CA VAL A 24 -8.73 -18.10 -23.76
C VAL A 24 -9.85 -19.00 -23.25
N PRO A 25 -10.00 -20.20 -23.83
CA PRO A 25 -10.99 -21.17 -23.32
C PRO A 25 -10.66 -21.57 -21.86
N ALA A 26 -11.69 -21.83 -21.05
CA ALA A 26 -11.53 -22.29 -19.65
C ALA A 26 -10.62 -23.53 -19.62
N ALA A 27 -10.76 -24.43 -20.60
CA ALA A 27 -9.97 -25.68 -20.74
C ALA A 27 -8.45 -25.39 -20.76
N ARG A 28 -8.04 -24.35 -21.48
CA ARG A 28 -6.60 -23.96 -21.58
C ARG A 28 -6.14 -23.36 -20.24
N LEU A 29 -6.94 -22.52 -19.59
CA LEU A 29 -6.59 -21.95 -18.26
C LEU A 29 -6.44 -23.11 -17.26
N ALA A 30 -7.34 -24.09 -17.33
CA ALA A 30 -7.36 -25.25 -16.42
C ALA A 30 -6.09 -26.09 -16.64
N GLU A 31 -5.74 -26.32 -17.89
CA GLU A 31 -4.53 -27.10 -18.25
C GLU A 31 -3.27 -26.40 -17.74
N LEU A 32 -3.17 -25.07 -17.85
CA LEU A 32 -1.98 -24.29 -17.42
C LEU A 32 -1.70 -24.54 -15.93
N ALA A 33 -2.77 -24.63 -15.12
CA ALA A 33 -2.69 -24.80 -13.64
C ALA A 33 -2.81 -26.27 -13.24
N ASP A 34 -2.96 -27.18 -14.22
CA ASP A 34 -3.19 -28.65 -13.99
C ASP A 34 -4.35 -28.82 -13.00
N VAL A 35 -5.48 -28.17 -13.25
CA VAL A 35 -6.65 -28.13 -12.32
C VAL A 35 -7.89 -28.50 -13.11
N SER A 36 -8.93 -28.95 -12.41
CA SER A 36 -10.24 -29.34 -13.00
C SER A 36 -10.81 -28.15 -13.74
N PRO A 37 -11.20 -28.35 -15.02
CA PRO A 37 -11.95 -27.35 -15.77
C PRO A 37 -13.16 -26.84 -14.97
N SER A 38 -13.88 -27.74 -14.28
CA SER A 38 -15.14 -27.38 -13.57
C SER A 38 -14.83 -26.40 -12.45
N TYR A 39 -13.70 -26.55 -11.74
CA TYR A 39 -13.30 -25.62 -10.67
C TYR A 39 -12.98 -24.25 -11.28
N LEU A 40 -12.17 -24.26 -12.35
CA LEU A 40 -11.75 -23.02 -13.05
C LEU A 40 -13.00 -22.27 -13.54
N ALA A 41 -13.93 -23.00 -14.18
CA ALA A 41 -15.17 -22.45 -14.77
C ALA A 41 -15.97 -21.72 -13.70
N LYS A 42 -16.05 -22.28 -12.48
N LYS A 42 -16.05 -22.28 -12.48
CA LYS A 42 -16.80 -21.69 -11.35
CA LYS A 42 -16.80 -21.70 -11.34
C LYS A 42 -16.21 -20.33 -11.00
C LYS A 42 -16.20 -20.33 -11.00
N GLN A 43 -14.88 -20.21 -10.98
CA GLN A 43 -14.20 -18.92 -10.67
C GLN A 43 -14.45 -17.94 -11.83
N MET A 44 -14.41 -18.42 -13.08
CA MET A 44 -14.64 -17.56 -14.26
C MET A 44 -16.11 -17.13 -14.31
N GLN A 45 -17.07 -17.96 -13.90
CA GLN A 45 -18.51 -17.59 -13.84
C GLN A 45 -18.71 -16.49 -12.78
N ALA A 46 -18.03 -16.59 -11.63
CA ALA A 46 -18.06 -15.56 -10.57
C ALA A 46 -17.56 -14.23 -11.15
N LEU A 47 -16.44 -14.25 -11.89
CA LEU A 47 -15.88 -13.03 -12.52
C LEU A 47 -16.86 -12.52 -13.61
N SER A 48 -17.54 -13.42 -14.33
CA SER A 48 -18.49 -13.08 -15.42
C SER A 48 -19.71 -12.36 -14.81
N ARG A 49 -20.27 -12.91 -13.73
N ARG A 49 -20.27 -12.91 -13.73
CA ARG A 49 -21.45 -12.34 -13.02
CA ARG A 49 -21.45 -12.32 -13.03
C ARG A 49 -21.12 -10.93 -12.51
C ARG A 49 -21.11 -10.91 -12.53
N ALA A 50 -19.86 -10.67 -12.13
CA ALA A 50 -19.38 -9.37 -11.63
C ALA A 50 -19.02 -8.44 -12.79
N GLY A 51 -19.15 -8.89 -14.03
CA GLY A 51 -18.90 -8.08 -15.23
C GLY A 51 -17.41 -7.85 -15.52
N LEU A 52 -16.52 -8.73 -15.03
CA LEU A 52 -15.05 -8.51 -15.14
C LEU A 52 -14.49 -9.31 -16.31
N VAL A 53 -15.12 -10.44 -16.62
CA VAL A 53 -14.79 -11.24 -17.82
C VAL A 53 -16.06 -11.47 -18.64
N ARG A 54 -15.92 -11.72 -19.94
CA ARG A 54 -17.05 -12.16 -20.80
C ARG A 54 -16.57 -13.30 -21.68
N SER A 55 -17.54 -14.10 -22.15
CA SER A 55 -17.34 -15.26 -23.05
C SER A 55 -17.54 -14.82 -24.49
N VAL A 56 -16.55 -15.08 -25.34
CA VAL A 56 -16.62 -14.82 -26.80
C VAL A 56 -16.93 -16.17 -27.45
N GLN A 57 -17.83 -16.19 -28.43
CA GLN A 57 -18.23 -17.44 -29.15
C GLN A 57 -17.32 -17.61 -30.37
N GLY A 58 -17.64 -18.60 -31.22
CA GLY A 58 -16.86 -18.90 -32.43
C GLY A 58 -15.79 -19.96 -32.18
N LYS A 59 -14.97 -20.23 -33.19
CA LYS A 59 -14.04 -21.40 -33.21
C LYS A 59 -12.87 -21.15 -32.26
N THR A 60 -12.40 -19.91 -32.13
CA THR A 60 -11.33 -19.51 -31.17
C THR A 60 -11.96 -18.63 -30.09
N GLY A 61 -13.10 -19.06 -29.54
CA GLY A 61 -13.79 -18.39 -28.42
C GLY A 61 -13.16 -18.69 -27.08
N GLY A 62 -13.74 -18.16 -26.01
CA GLY A 62 -13.16 -18.25 -24.65
C GLY A 62 -13.36 -16.95 -23.89
N TYR A 63 -12.64 -16.79 -22.80
CA TYR A 63 -12.78 -15.65 -21.86
C TYR A 63 -11.88 -14.51 -22.29
N VAL A 64 -12.39 -13.29 -22.13
CA VAL A 64 -11.62 -12.03 -22.25
C VAL A 64 -12.01 -11.15 -21.06
N LEU A 65 -11.10 -10.29 -20.61
CA LEU A 65 -11.43 -9.18 -19.67
C LEU A 65 -12.42 -8.24 -20.38
N THR A 66 -13.37 -7.66 -19.64
CA THR A 66 -14.42 -6.77 -20.19
C THR A 66 -13.88 -5.34 -20.32
N ARG A 67 -12.79 -5.04 -19.64
CA ARG A 67 -12.21 -3.67 -19.67
C ARG A 67 -10.71 -3.78 -19.40
N PRO A 68 -9.94 -2.69 -19.65
CA PRO A 68 -8.51 -2.69 -19.37
C PRO A 68 -8.18 -3.07 -17.92
N ALA A 69 -7.03 -3.72 -17.74
CA ALA A 69 -6.50 -4.23 -16.45
C ALA A 69 -6.39 -3.07 -15.45
N VAL A 70 -6.15 -1.85 -15.92
CA VAL A 70 -5.97 -0.65 -15.05
C VAL A 70 -7.33 -0.27 -14.45
N GLU A 71 -8.44 -0.77 -14.99
CA GLU A 71 -9.82 -0.46 -14.51
C GLU A 71 -10.39 -1.63 -13.69
N ILE A 72 -9.58 -2.65 -13.39
CA ILE A 72 -10.02 -3.79 -12.54
C ILE A 72 -9.18 -3.79 -11.26
N THR A 73 -9.84 -3.59 -10.12
CA THR A 73 -9.16 -3.49 -8.82
C THR A 73 -9.18 -4.86 -8.13
N LEU A 74 -8.31 -5.04 -7.14
CA LEU A 74 -8.31 -6.26 -6.30
C LEU A 74 -9.66 -6.35 -5.59
N LEU A 75 -10.24 -5.21 -5.19
CA LEU A 75 -11.56 -5.22 -4.48
C LEU A 75 -12.64 -5.81 -5.42
N ASP A 76 -12.63 -5.42 -6.70
CA ASP A 76 -13.57 -5.94 -7.71
C ASP A 76 -13.49 -7.47 -7.72
N VAL A 77 -12.28 -8.02 -7.73
CA VAL A 77 -12.09 -9.49 -7.86
C VAL A 77 -12.47 -10.18 -6.54
N VAL A 78 -12.05 -9.64 -5.40
CA VAL A 78 -12.31 -10.25 -4.07
C VAL A 78 -13.83 -10.33 -3.89
N GLN A 79 -14.56 -9.23 -4.15
CA GLN A 79 -16.03 -9.20 -3.96
C GLN A 79 -16.74 -10.08 -4.99
N ALA A 80 -16.22 -10.19 -6.22
CA ALA A 80 -16.79 -11.07 -7.24
C ALA A 80 -16.81 -12.51 -6.70
N VAL A 81 -15.75 -12.92 -6.00
CA VAL A 81 -15.61 -14.33 -5.52
C VAL A 81 -16.19 -14.50 -4.13
N ASP A 82 -15.87 -13.64 -3.17
CA ASP A 82 -16.25 -13.91 -1.76
C ASP A 82 -17.48 -13.09 -1.35
N GLY A 83 -17.97 -12.23 -2.22
CA GLY A 83 -19.19 -11.48 -1.95
C GLY A 83 -18.89 -10.19 -1.21
N PRO A 84 -19.92 -9.40 -0.88
CA PRO A 84 -19.74 -8.08 -0.29
C PRO A 84 -19.81 -8.00 1.24
N ASP A 85 -19.97 -9.12 1.93
CA ASP A 85 -20.19 -9.13 3.41
C ASP A 85 -18.91 -8.72 4.13
N PRO A 86 -19.02 -7.89 5.18
CA PRO A 86 -17.86 -7.48 5.98
C PRO A 86 -17.37 -8.58 6.92
N ALA A 87 -16.15 -8.41 7.42
CA ALA A 87 -15.50 -9.30 8.41
C ALA A 87 -16.30 -9.25 9.73
N PHE A 88 -16.70 -8.07 10.16
CA PHE A 88 -17.31 -7.88 11.50
C PHE A 88 -18.82 -7.67 11.35
N VAL A 89 -19.62 -8.42 12.11
CA VAL A 89 -21.11 -8.29 12.11
C VAL A 89 -21.56 -7.91 13.53
N CYS A 90 -22.17 -6.74 13.69
CA CYS A 90 -22.76 -6.32 15.00
C CYS A 90 -24.08 -7.07 15.23
N THR A 91 -24.23 -7.75 16.37
CA THR A 91 -25.47 -8.47 16.74
C THR A 91 -26.25 -7.66 17.79
N GLU A 92 -25.86 -6.41 18.03
CA GLU A 92 -26.60 -5.50 18.95
C GLU A 92 -26.65 -6.14 20.35
N ILE A 93 -25.52 -6.66 20.84
CA ILE A 93 -25.44 -7.24 22.22
C ILE A 93 -25.68 -6.13 23.25
N ARG A 94 -25.49 -4.85 22.91
CA ARG A 94 -25.79 -3.72 23.83
C ARG A 94 -27.29 -3.68 24.20
N GLN A 95 -28.15 -4.34 23.43
CA GLN A 95 -29.63 -4.37 23.68
C GLN A 95 -29.98 -5.56 24.60
N ARG A 96 -28.99 -6.29 25.12
CA ARG A 96 -29.19 -7.49 25.97
C ARG A 96 -29.09 -7.11 27.44
N GLY A 97 -29.75 -7.87 28.31
CA GLY A 97 -29.49 -7.87 29.77
C GLY A 97 -30.22 -6.75 30.50
N PRO A 98 -30.03 -6.67 31.84
CA PRO A 98 -30.77 -5.71 32.66
C PRO A 98 -30.36 -4.24 32.44
N LEU A 99 -29.20 -3.96 31.86
CA LEU A 99 -28.77 -2.57 31.57
C LEU A 99 -28.80 -2.34 30.04
N ALA A 100 -29.64 -3.08 29.35
CA ALA A 100 -29.81 -2.99 27.88
C ALA A 100 -30.05 -1.55 27.44
N THR A 101 -29.32 -1.10 26.43
CA THR A 101 -29.56 0.19 25.75
C THR A 101 -30.92 0.11 25.07
N PRO A 102 -31.88 1.00 25.42
CA PRO A 102 -33.20 0.97 24.80
C PRO A 102 -33.11 1.31 23.31
N PRO A 103 -34.06 0.82 22.47
CA PRO A 103 -34.04 1.10 21.03
C PRO A 103 -33.88 2.58 20.66
N GLU A 104 -34.49 3.48 21.43
CA GLU A 104 -34.52 4.93 21.12
C GLU A 104 -33.11 5.52 21.20
N LYS A 105 -32.23 4.87 21.98
CA LYS A 105 -30.82 5.33 22.15
C LYS A 105 -29.90 4.55 21.19
N CYS A 106 -30.46 3.75 20.29
CA CYS A 106 -29.71 2.93 19.30
C CYS A 106 -29.92 3.48 17.88
N THR A 107 -30.04 4.81 17.73
CA THR A 107 -30.20 5.51 16.43
C THR A 107 -28.88 5.45 15.66
N LYS A 108 -27.76 5.66 16.35
CA LYS A 108 -26.39 5.53 15.75
C LYS A 108 -25.89 4.09 15.94
N ALA A 109 -25.02 3.63 15.05
CA ALA A 109 -24.31 2.34 15.22
C ALA A 109 -23.52 2.41 16.53
N CYS A 110 -23.36 1.26 17.18
CA CYS A 110 -22.47 1.09 18.34
C CYS A 110 -21.08 1.63 18.00
N PRO A 111 -20.46 2.45 18.88
CA PRO A 111 -19.10 2.93 18.64
C PRO A 111 -18.12 1.80 18.33
N ILE A 112 -18.32 0.63 18.94
CA ILE A 112 -17.42 -0.53 18.68
C ILE A 112 -17.60 -0.96 17.21
N ALA A 113 -18.84 -1.14 16.78
CA ALA A 113 -19.17 -1.49 15.38
C ALA A 113 -18.59 -0.43 14.42
N ARG A 114 -18.65 0.85 14.77
CA ARG A 114 -18.13 1.95 13.90
C ARG A 114 -16.59 1.84 13.77
N ALA A 115 -15.88 1.55 14.86
CA ALA A 115 -14.41 1.35 14.83
C ALA A 115 -14.07 0.14 13.96
N MET A 116 -14.80 -0.96 14.11
CA MET A 116 -14.57 -2.17 13.27
C MET A 116 -14.88 -1.83 11.79
N GLY A 117 -15.90 -0.99 11.56
CA GLY A 117 -16.30 -0.57 10.21
C GLY A 117 -15.22 0.29 9.57
N ALA A 118 -14.59 1.16 10.35
CA ALA A 118 -13.47 2.02 9.86
C ALA A 118 -12.31 1.11 9.43
N ALA A 119 -12.02 0.04 10.18
CA ALA A 119 -10.92 -0.88 9.81
C ALA A 119 -11.25 -1.57 8.48
N GLU A 120 -12.49 -2.05 8.34
CA GLU A 120 -13.03 -2.67 7.09
C GLU A 120 -12.86 -1.69 5.91
N ALA A 121 -13.23 -0.42 6.10
CA ALA A 121 -13.09 0.62 5.06
C ALA A 121 -11.61 0.75 4.64
N ALA A 122 -10.67 0.71 5.58
CA ALA A 122 -9.22 0.82 5.31
C ALA A 122 -8.79 -0.38 4.46
N TRP A 123 -9.31 -1.57 4.77
CA TRP A 123 -9.00 -2.81 4.00
CA TRP A 123 -8.97 -2.81 4.00
C TRP A 123 -9.46 -2.76 2.53
N ARG A 124 -10.70 -2.31 2.37
CA ARG A 124 -11.38 -2.17 1.06
C ARG A 124 -10.67 -1.09 0.25
N ALA A 125 -10.30 0.02 0.90
CA ALA A 125 -9.62 1.15 0.22
C ALA A 125 -8.28 0.67 -0.35
N SER A 126 -7.54 -0.12 0.41
CA SER A 126 -6.24 -0.71 -0.03
C SER A 126 -6.46 -1.62 -1.24
N LEU A 127 -7.48 -2.49 -1.19
CA LEU A 127 -7.80 -3.40 -2.33
C LEU A 127 -8.26 -2.58 -3.55
N ALA A 128 -9.01 -1.48 -3.33
CA ALA A 128 -9.55 -0.63 -4.41
C ALA A 128 -8.42 0.16 -5.08
N ALA A 129 -7.30 0.39 -4.38
CA ALA A 129 -6.20 1.27 -4.82
C ALA A 129 -5.18 0.48 -5.65
N THR A 130 -5.30 -0.86 -5.73
CA THR A 130 -4.40 -1.74 -6.50
C THR A 130 -5.18 -2.38 -7.65
N THR A 131 -4.57 -2.43 -8.85
CA THR A 131 -5.26 -2.88 -10.08
C THR A 131 -4.54 -4.12 -10.61
N ILE A 132 -5.20 -4.84 -11.49
CA ILE A 132 -4.58 -5.98 -12.21
C ILE A 132 -3.36 -5.45 -12.99
N ALA A 133 -3.42 -4.24 -13.53
CA ALA A 133 -2.28 -3.63 -14.27
C ALA A 133 -1.07 -3.48 -13.34
N ASP A 134 -1.27 -3.07 -12.08
CA ASP A 134 -0.20 -2.98 -11.05
C ASP A 134 0.44 -4.36 -10.85
N LEU A 135 -0.38 -5.40 -10.73
CA LEU A 135 0.15 -6.78 -10.54
C LEU A 135 1.01 -7.18 -11.74
N VAL A 136 0.51 -6.93 -12.94
CA VAL A 136 1.24 -7.26 -14.20
C VAL A 136 2.59 -6.53 -14.18
N ALA A 137 2.61 -5.23 -13.83
CA ALA A 137 3.84 -4.40 -13.83
C ALA A 137 4.84 -4.98 -12.84
N THR A 138 4.39 -5.43 -11.68
CA THR A 138 5.25 -6.01 -10.62
C THR A 138 5.82 -7.36 -11.10
N VAL A 139 4.99 -8.21 -11.75
CA VAL A 139 5.46 -9.51 -12.30
C VAL A 139 6.54 -9.22 -13.36
N ASP A 140 6.29 -8.29 -14.27
CA ASP A 140 7.29 -7.92 -15.33
C ASP A 140 8.61 -7.54 -14.65
N ASP A 141 8.56 -6.75 -13.58
CA ASP A 141 9.76 -6.24 -12.86
C ASP A 141 10.49 -7.38 -12.15
N GLU A 142 9.76 -8.32 -11.54
CA GLU A 142 10.38 -9.35 -10.66
C GLU A 142 10.64 -10.67 -11.39
N SER A 143 9.76 -11.07 -12.30
CA SER A 143 9.92 -12.35 -13.04
C SER A 143 10.64 -12.09 -14.36
N GLY A 144 10.82 -10.83 -14.74
CA GLY A 144 11.40 -10.43 -16.04
C GLY A 144 10.32 -10.25 -17.12
N PRO A 145 10.66 -9.56 -18.22
CA PRO A 145 9.67 -9.22 -19.25
C PRO A 145 9.11 -10.41 -20.04
N ASP A 146 9.76 -11.57 -19.98
CA ASP A 146 9.45 -12.75 -20.82
C ASP A 146 8.46 -13.70 -20.12
N ALA A 147 8.23 -13.55 -18.81
CA ALA A 147 7.44 -14.52 -17.99
C ALA A 147 5.98 -14.53 -18.46
N LEU A 148 5.28 -13.40 -18.39
CA LEU A 148 3.84 -13.35 -18.74
C LEU A 148 3.65 -13.63 -20.22
N PRO A 149 4.45 -13.06 -21.15
CA PRO A 149 4.34 -13.41 -22.57
C PRO A 149 4.48 -14.92 -22.85
N GLY A 150 5.34 -15.61 -22.11
CA GLY A 150 5.47 -17.08 -22.15
C GLY A 150 4.15 -17.76 -21.81
N VAL A 151 3.51 -17.31 -20.74
CA VAL A 151 2.20 -17.86 -20.31
C VAL A 151 1.14 -17.55 -21.39
N GLY A 152 1.07 -16.30 -21.84
CA GLY A 152 0.11 -15.88 -22.88
C GLY A 152 0.24 -16.75 -24.13
N ALA A 153 1.47 -16.98 -24.61
CA ALA A 153 1.75 -17.76 -25.84
C ALA A 153 1.26 -19.20 -25.64
N TRP A 154 1.55 -19.77 -24.47
CA TRP A 154 1.17 -21.15 -24.12
C TRP A 154 -0.36 -21.28 -24.17
N LEU A 155 -1.08 -20.32 -23.60
CA LEU A 155 -2.57 -20.32 -23.53
C LEU A 155 -3.22 -20.28 -24.92
N ILE A 156 -2.68 -19.52 -25.87
CA ILE A 156 -3.40 -19.25 -27.16
C ILE A 156 -2.78 -20.08 -28.30
N GLU A 157 -1.64 -20.76 -28.11
CA GLU A 157 -0.92 -21.41 -29.24
C GLU A 157 -1.78 -22.55 -29.80
N GLY A 158 -1.92 -22.60 -31.13
CA GLY A 158 -2.56 -23.74 -31.81
C GLY A 158 -4.07 -23.65 -31.84
N LEU A 159 -4.70 -22.72 -31.11
CA LEU A 159 -6.19 -22.60 -31.10
C LEU A 159 -6.67 -22.40 -32.54
N GLY A 160 -7.57 -23.28 -33.00
CA GLY A 160 -8.19 -23.20 -34.35
C GLY A 160 -7.29 -23.72 -35.47
N HIS A 161 -6.33 -24.58 -35.16
CA HIS A 161 -5.41 -25.14 -36.19
C HIS A 161 -5.59 -26.66 -36.35
N HIS A 162 -5.84 -27.37 -35.25
CA HIS A 162 -6.14 -28.84 -35.23
C HIS A 162 -4.91 -29.65 -35.66
N HIS A 163 -3.80 -29.48 -34.95
CA HIS A 163 -2.55 -30.27 -35.16
C HIS A 163 -2.63 -31.58 -34.36
N MET B 1 10.45 3.70 -3.43
CA MET B 1 10.16 4.50 -4.66
C MET B 1 10.81 3.81 -5.86
N LYS B 2 10.05 3.57 -6.93
CA LYS B 2 10.64 2.87 -8.10
C LYS B 2 9.85 3.19 -9.36
N LEU B 3 10.59 3.49 -10.43
CA LEU B 3 10.00 3.58 -11.78
C LEU B 3 9.85 2.15 -12.29
N SER B 4 8.83 1.90 -13.10
CA SER B 4 8.60 0.55 -13.68
C SER B 4 9.74 0.21 -14.64
N GLY B 5 9.99 -1.08 -14.86
CA GLY B 5 11.05 -1.58 -15.74
C GLY B 5 10.93 -1.09 -17.18
N GLY B 6 9.73 -0.72 -17.61
CA GLY B 6 9.43 -0.25 -18.98
C GLY B 6 10.17 1.04 -19.34
N VAL B 7 10.53 1.86 -18.34
CA VAL B 7 11.23 3.15 -18.60
C VAL B 7 12.58 2.89 -19.28
N GLU B 8 13.39 2.01 -18.69
CA GLU B 8 14.71 1.60 -19.26
C GLU B 8 14.52 1.13 -20.71
N TRP B 9 13.59 0.22 -20.95
CA TRP B 9 13.33 -0.31 -22.31
C TRP B 9 12.92 0.81 -23.27
N ALA B 10 12.01 1.70 -22.86
CA ALA B 10 11.44 2.74 -23.74
C ALA B 10 12.53 3.75 -24.12
N LEU B 11 13.42 4.10 -23.19
CA LEU B 11 14.52 5.06 -23.47
C LEU B 11 15.46 4.42 -24.50
N HIS B 12 15.80 3.15 -24.31
CA HIS B 12 16.69 2.42 -25.26
C HIS B 12 16.05 2.36 -26.65
N CYS B 13 14.75 2.02 -26.71
CA CYS B 13 13.97 1.96 -27.97
C CYS B 13 14.06 3.32 -28.70
N CYS B 14 13.85 4.43 -28.00
CA CYS B 14 13.91 5.78 -28.62
C CYS B 14 15.30 6.03 -29.21
N VAL B 15 16.35 5.67 -28.47
CA VAL B 15 17.75 5.88 -28.94
C VAL B 15 18.00 5.07 -30.21
N VAL B 16 17.59 3.79 -30.26
CA VAL B 16 17.94 2.95 -31.45
C VAL B 16 17.08 3.39 -32.66
N LEU B 17 15.85 3.86 -32.44
CA LEU B 17 15.00 4.37 -33.56
C LEU B 17 15.64 5.62 -34.19
N THR B 18 16.42 6.42 -33.46
CA THR B 18 17.12 7.60 -34.05
C THR B 18 18.13 7.11 -35.08
N ALA B 19 18.72 5.95 -34.86
CA ALA B 19 19.77 5.40 -35.74
C ALA B 19 19.16 4.73 -36.97
N ALA B 20 17.88 4.36 -36.93
CA ALA B 20 17.20 3.66 -38.04
C ALA B 20 16.74 4.66 -39.10
N SER B 21 16.86 4.28 -40.37
CA SER B 21 16.47 5.17 -41.50
C SER B 21 15.14 4.75 -42.14
N ARG B 22 14.65 3.57 -41.79
CA ARG B 22 13.36 3.09 -42.28
C ARG B 22 12.53 2.71 -41.07
N PRO B 23 11.22 2.48 -41.21
CA PRO B 23 10.43 1.96 -40.10
C PRO B 23 11.04 0.65 -39.59
N VAL B 24 10.98 0.46 -38.27
CA VAL B 24 11.51 -0.77 -37.61
C VAL B 24 10.34 -1.52 -36.99
N PRO B 25 10.02 -2.74 -37.49
CA PRO B 25 8.97 -3.56 -36.89
C PRO B 25 9.28 -3.94 -35.43
N ALA B 26 8.26 -4.04 -34.58
CA ALA B 26 8.41 -4.39 -33.14
C ALA B 26 9.17 -5.72 -33.03
N ALA B 27 8.91 -6.67 -33.93
CA ALA B 27 9.57 -8.00 -33.97
C ALA B 27 11.09 -7.86 -34.11
N ARG B 28 11.56 -6.92 -34.94
CA ARG B 28 13.00 -6.71 -35.17
C ARG B 28 13.63 -6.03 -33.95
N LEU B 29 12.93 -5.06 -33.33
CA LEU B 29 13.43 -4.46 -32.05
C LEU B 29 13.52 -5.56 -30.98
N ALA B 30 12.54 -6.47 -30.93
CA ALA B 30 12.49 -7.55 -29.92
C ALA B 30 13.69 -8.49 -30.16
N GLU B 31 13.97 -8.81 -31.42
CA GLU B 31 15.10 -9.68 -31.81
C GLU B 31 16.44 -9.04 -31.38
N LEU B 32 16.59 -7.73 -31.54
CA LEU B 32 17.84 -7.00 -31.16
C LEU B 32 18.12 -7.20 -29.66
N ALA B 33 17.07 -7.16 -28.84
CA ALA B 33 17.17 -7.22 -27.36
C ALA B 33 16.99 -8.66 -26.84
N ASP B 34 16.72 -9.62 -27.73
CA ASP B 34 16.39 -11.03 -27.38
C ASP B 34 15.27 -11.02 -26.31
N VAL B 35 14.17 -10.33 -26.60
CA VAL B 35 13.04 -10.18 -25.64
C VAL B 35 11.76 -10.50 -26.38
N SER B 36 10.71 -10.88 -25.63
CA SER B 36 9.36 -11.18 -26.16
C SER B 36 8.85 -9.99 -26.97
N PRO B 37 8.41 -10.22 -28.22
CA PRO B 37 7.73 -9.19 -29.02
C PRO B 37 6.56 -8.55 -28.26
N SER B 38 5.81 -9.33 -27.48
CA SER B 38 4.62 -8.87 -26.72
C SER B 38 5.06 -7.77 -25.73
N TYR B 39 6.18 -7.98 -25.03
CA TYR B 39 6.67 -7.02 -24.02
C TYR B 39 7.10 -5.74 -24.73
N LEU B 40 7.89 -5.86 -25.79
CA LEU B 40 8.40 -4.71 -26.58
C LEU B 40 7.20 -3.91 -27.11
N ALA B 41 6.19 -4.58 -27.67
CA ALA B 41 4.99 -3.97 -28.27
C ALA B 41 4.25 -3.14 -27.22
N LYS B 42 4.17 -3.62 -25.97
CA LYS B 42 3.52 -2.89 -24.84
C LYS B 42 4.22 -1.55 -24.60
N GLN B 43 5.56 -1.55 -24.63
CA GLN B 43 6.35 -0.31 -24.41
C GLN B 43 6.17 0.63 -25.61
N MET B 44 6.12 0.09 -26.83
CA MET B 44 5.96 0.91 -28.07
C MET B 44 4.53 1.47 -28.11
N GLN B 45 3.52 0.75 -27.64
CA GLN B 45 2.12 1.26 -27.57
C GLN B 45 2.06 2.41 -26.56
N ALA B 46 2.77 2.33 -25.44
CA ALA B 46 2.84 3.41 -24.42
C ALA B 46 3.47 4.66 -25.07
N LEU B 47 4.54 4.50 -25.84
CA LEU B 47 5.18 5.62 -26.57
C LEU B 47 4.24 6.14 -27.67
N SER B 48 3.45 5.26 -28.30
CA SER B 48 2.49 5.63 -29.37
C SER B 48 1.35 6.49 -28.79
N ARG B 49 0.77 6.05 -27.67
CA ARG B 49 -0.32 6.79 -26.97
C ARG B 49 0.18 8.18 -26.55
N ALA B 50 1.47 8.33 -26.22
CA ALA B 50 2.10 9.60 -25.80
C ALA B 50 2.53 10.43 -27.03
N GLY B 51 2.30 9.92 -28.24
CA GLY B 51 2.58 10.63 -29.50
C GLY B 51 4.05 10.72 -29.82
N LEU B 52 4.89 9.79 -29.32
CA LEU B 52 6.36 9.87 -29.50
C LEU B 52 6.81 8.95 -30.63
N VAL B 53 6.10 7.85 -30.84
CA VAL B 53 6.33 6.96 -32.01
C VAL B 53 5.01 6.80 -32.76
N ARG B 54 5.08 6.37 -34.01
CA ARG B 54 3.90 6.03 -34.81
C ARG B 54 4.23 4.79 -35.65
N SER B 55 3.20 4.06 -36.03
CA SER B 55 3.27 2.87 -36.91
C SER B 55 3.09 3.30 -38.35
N VAL B 56 4.00 2.88 -39.23
CA VAL B 56 3.93 3.07 -40.70
C VAL B 56 3.50 1.72 -41.29
N GLN B 57 2.59 1.73 -42.25
CA GLN B 57 2.06 0.50 -42.91
C GLN B 57 2.92 0.18 -44.13
N GLY B 58 2.57 -0.87 -44.86
CA GLY B 58 3.27 -1.28 -46.10
C GLY B 58 4.19 -2.45 -45.85
N LYS B 59 4.86 -2.89 -46.92
CA LYS B 59 5.73 -4.09 -46.93
C LYS B 59 6.94 -3.91 -46.00
N THR B 60 7.45 -2.69 -45.87
CA THR B 60 8.55 -2.41 -44.90
C THR B 60 8.05 -1.40 -43.87
N GLY B 61 6.91 -1.70 -43.25
CA GLY B 61 6.33 -0.88 -42.18
C GLY B 61 7.01 -1.12 -40.85
N GLY B 62 6.48 -0.49 -39.81
CA GLY B 62 7.06 -0.58 -38.45
C GLY B 62 7.01 0.78 -37.79
N TYR B 63 7.72 0.93 -36.67
CA TYR B 63 7.71 2.14 -35.83
C TYR B 63 8.72 3.15 -36.35
N VAL B 64 8.36 4.43 -36.25
CA VAL B 64 9.26 5.60 -36.42
C VAL B 64 8.98 6.57 -35.27
N LEU B 65 9.97 7.39 -34.92
CA LEU B 65 9.76 8.57 -34.05
C LEU B 65 8.85 9.57 -34.78
N THR B 66 7.98 10.28 -34.08
CA THR B 66 7.00 11.25 -34.64
C THR B 66 7.68 12.60 -34.83
N ARG B 67 8.83 12.83 -34.19
CA ARG B 67 9.56 14.11 -34.28
C ARG B 67 11.03 13.88 -34.01
N PRO B 68 11.90 14.86 -34.35
CA PRO B 68 13.32 14.75 -34.12
C PRO B 68 13.68 14.45 -32.65
N ALA B 69 14.79 13.73 -32.46
CA ALA B 69 15.31 13.27 -31.16
C ALA B 69 15.50 14.46 -30.21
N VAL B 70 15.89 15.62 -30.73
CA VAL B 70 16.14 16.83 -29.89
C VAL B 70 14.80 17.35 -29.35
N GLU B 71 13.65 16.93 -29.90
CA GLU B 71 12.32 17.39 -29.45
C GLU B 71 11.66 16.35 -28.54
N ILE B 72 12.38 15.29 -28.17
CA ILE B 72 11.87 14.25 -27.23
C ILE B 72 12.72 14.28 -25.96
N THR B 73 12.13 14.69 -24.84
CA THR B 73 12.84 14.79 -23.55
C THR B 73 12.71 13.45 -22.80
N LEU B 74 13.60 13.25 -21.83
CA LEU B 74 13.52 12.07 -20.94
C LEU B 74 12.21 12.15 -20.18
N LEU B 75 11.72 13.34 -19.84
CA LEU B 75 10.44 13.47 -19.09
C LEU B 75 9.28 12.96 -19.96
N ASP B 76 9.29 13.28 -21.26
CA ASP B 76 8.26 12.81 -22.22
C ASP B 76 8.20 11.27 -22.13
N VAL B 77 9.35 10.60 -22.17
CA VAL B 77 9.39 9.11 -22.22
C VAL B 77 8.98 8.54 -20.86
N VAL B 78 9.53 9.09 -19.77
CA VAL B 78 9.23 8.61 -18.38
C VAL B 78 7.73 8.67 -18.15
N GLN B 79 7.09 9.79 -18.49
CA GLN B 79 5.63 10.02 -18.26
C GLN B 79 4.81 9.15 -19.23
N ALA B 80 5.29 8.90 -20.44
CA ALA B 80 4.62 7.98 -21.37
C ALA B 80 4.50 6.59 -20.76
N VAL B 81 5.53 6.13 -20.05
CA VAL B 81 5.51 4.76 -19.45
C VAL B 81 4.88 4.78 -18.06
N ASP B 82 5.31 5.67 -17.16
CA ASP B 82 4.93 5.60 -15.72
C ASP B 82 3.82 6.57 -15.37
N GLY B 83 3.37 7.40 -16.31
CA GLY B 83 2.26 8.31 -16.06
C GLY B 83 2.71 9.60 -15.39
N PRO B 84 1.77 10.52 -15.10
CA PRO B 84 2.13 11.85 -14.61
C PRO B 84 2.08 12.09 -13.10
N ASP B 85 1.77 11.06 -12.32
CA ASP B 85 1.53 11.20 -10.85
C ASP B 85 2.86 11.50 -10.14
N PRO B 86 2.87 12.45 -9.19
CA PRO B 86 4.07 12.73 -8.41
C PRO B 86 4.35 11.63 -7.38
N ALA B 87 5.61 11.52 -6.99
CA ALA B 87 6.14 10.60 -5.96
C ALA B 87 5.48 10.90 -4.60
N PHE B 88 5.36 12.17 -4.23
CA PHE B 88 4.81 12.56 -2.89
C PHE B 88 3.34 12.95 -3.04
N VAL B 89 2.47 12.31 -2.25
CA VAL B 89 1.01 12.59 -2.19
C VAL B 89 0.67 13.10 -0.79
N CYS B 90 0.19 14.33 -0.68
CA CYS B 90 -0.30 14.91 0.60
C CYS B 90 -1.69 14.33 0.89
N THR B 91 -1.90 13.75 2.08
CA THR B 91 -3.19 13.19 2.52
C THR B 91 -3.85 14.14 3.54
N GLU B 92 -3.35 15.38 3.66
CA GLU B 92 -3.94 16.42 4.53
C GLU B 92 -4.02 15.91 5.98
N ILE B 93 -2.93 15.32 6.50
CA ILE B 93 -2.87 14.85 7.91
C ILE B 93 -2.99 16.05 8.85
N ARG B 94 -2.70 17.28 8.42
CA ARG B 94 -2.86 18.50 9.26
C ARG B 94 -4.34 18.71 9.63
N GLN B 95 -5.28 18.06 8.95
CA GLN B 95 -6.74 18.18 9.23
C GLN B 95 -7.17 17.10 10.23
N ARG B 96 -6.23 16.32 10.80
CA ARG B 96 -6.51 15.23 11.77
C ARG B 96 -6.30 15.72 13.19
N GLY B 97 -7.02 15.14 14.15
CA GLY B 97 -6.69 15.22 15.58
C GLY B 97 -7.28 16.46 16.25
N PRO B 98 -7.05 16.63 17.56
CA PRO B 98 -7.67 17.71 18.32
C PRO B 98 -7.18 19.13 17.97
N LEU B 99 -6.02 19.26 17.30
CA LEU B 99 -5.46 20.58 16.87
C LEU B 99 -5.53 20.68 15.34
N ALA B 100 -6.44 19.94 14.71
CA ALA B 100 -6.60 19.92 13.23
C ALA B 100 -6.79 21.34 12.68
N THR B 101 -6.12 21.62 11.58
CA THR B 101 -6.29 22.87 10.81
C THR B 101 -7.70 22.83 10.24
N PRO B 102 -8.56 23.83 10.53
CA PRO B 102 -9.90 23.84 9.97
C PRO B 102 -9.86 24.10 8.46
N PRO B 103 -10.84 23.60 7.69
CA PRO B 103 -10.90 23.76 6.23
C PRO B 103 -10.66 25.18 5.70
N GLU B 104 -11.15 26.20 6.40
CA GLU B 104 -11.03 27.63 5.97
C GLU B 104 -9.57 28.12 6.03
N LYS B 105 -8.68 27.46 6.78
CA LYS B 105 -7.24 27.82 6.81
C LYS B 105 -6.44 26.88 5.91
N CYS B 106 -7.11 25.99 5.16
CA CYS B 106 -6.42 25.05 4.24
C CYS B 106 -6.60 25.50 2.79
N THR B 107 -6.38 26.79 2.52
CA THR B 107 -6.53 27.39 1.15
C THR B 107 -5.25 27.18 0.36
N LYS B 108 -4.08 27.39 0.97
CA LYS B 108 -2.76 27.07 0.36
C LYS B 108 -2.37 25.63 0.71
N ALA B 109 -1.58 24.97 -0.16
CA ALA B 109 -1.00 23.65 0.12
C ALA B 109 -0.14 23.77 1.39
N CYS B 110 -0.08 22.69 2.16
CA CYS B 110 0.81 22.54 3.33
C CYS B 110 2.23 22.89 2.91
N PRO B 111 2.98 23.69 3.71
CA PRO B 111 4.36 24.01 3.40
C PRO B 111 5.25 22.78 3.21
N ILE B 112 4.97 21.69 3.93
CA ILE B 112 5.70 20.40 3.75
C ILE B 112 5.41 19.86 2.34
N ALA B 113 4.14 19.80 1.94
CA ALA B 113 3.73 19.35 0.59
C ALA B 113 4.43 20.20 -0.49
N ARG B 114 4.50 21.52 -0.29
CA ARG B 114 5.13 22.44 -1.28
C ARG B 114 6.62 22.16 -1.38
N ALA B 115 7.31 21.96 -0.25
CA ALA B 115 8.75 21.60 -0.24
C ALA B 115 8.96 20.30 -1.02
N MET B 116 8.15 19.27 -0.77
CA MET B 116 8.28 17.97 -1.49
C MET B 116 7.99 18.22 -2.99
N GLY B 117 7.01 19.08 -3.29
CA GLY B 117 6.64 19.45 -4.66
C GLY B 117 7.78 20.13 -5.38
N ALA B 118 8.51 21.01 -4.69
CA ALA B 118 9.69 21.72 -5.23
C ALA B 118 10.78 20.69 -5.60
N ALA B 119 10.97 19.67 -4.76
CA ALA B 119 11.97 18.59 -5.02
C ALA B 119 11.58 17.79 -6.27
N GLU B 120 10.29 17.46 -6.40
N GLU B 120 10.29 17.46 -6.40
CA GLU B 120 9.69 16.80 -7.58
CA GLU B 120 9.68 16.79 -7.59
C GLU B 120 9.92 17.65 -8.83
C GLU B 120 9.92 17.65 -8.83
N ALA B 121 9.71 18.97 -8.72
CA ALA B 121 9.91 19.93 -9.84
C ALA B 121 11.37 19.87 -10.33
N ALA B 122 12.34 19.73 -9.43
CA ALA B 122 13.78 19.65 -9.76
C ALA B 122 14.04 18.35 -10.53
N TRP B 123 13.45 17.24 -10.10
CA TRP B 123 13.56 15.93 -10.78
C TRP B 123 13.03 16.07 -12.21
N ARG B 124 11.83 16.64 -12.35
CA ARG B 124 11.15 16.78 -13.66
C ARG B 124 11.94 17.74 -14.55
N ALA B 125 12.49 18.81 -13.98
CA ALA B 125 13.28 19.82 -14.73
C ALA B 125 14.52 19.16 -15.31
N SER B 126 15.22 18.33 -14.54
CA SER B 126 16.42 17.58 -15.00
C SER B 126 16.04 16.66 -16.16
N LEU B 127 14.94 15.91 -16.06
CA LEU B 127 14.47 15.00 -17.14
C LEU B 127 14.01 15.82 -18.37
N ALA B 128 13.34 16.96 -18.15
CA ALA B 128 12.82 17.84 -19.23
C ALA B 128 13.97 18.51 -19.98
N ALA B 129 15.14 18.69 -19.34
CA ALA B 129 16.30 19.45 -19.88
C ALA B 129 17.23 18.53 -20.68
N THR B 130 17.00 17.21 -20.64
CA THR B 130 17.80 16.19 -21.38
C THR B 130 16.94 15.59 -22.50
N THR B 131 17.51 15.36 -23.68
CA THR B 131 16.77 14.86 -24.85
C THR B 131 17.36 13.53 -25.31
N ILE B 132 16.63 12.83 -26.15
CA ILE B 132 17.10 11.59 -26.83
C ILE B 132 18.36 11.95 -27.64
N ALA B 133 18.41 13.15 -28.23
CA ALA B 133 19.58 13.63 -29.01
C ALA B 133 20.82 13.70 -28.12
N ASP B 134 20.67 14.13 -26.86
CA ASP B 134 21.78 14.18 -25.87
C ASP B 134 22.31 12.76 -25.60
N LEU B 135 21.41 11.78 -25.42
CA LEU B 135 21.81 10.37 -25.19
C LEU B 135 22.60 9.86 -26.42
N VAL B 136 22.09 10.14 -27.62
CA VAL B 136 22.73 9.72 -28.90
C VAL B 136 24.13 10.33 -28.98
N ALA B 137 24.28 11.62 -28.64
CA ALA B 137 25.58 12.33 -28.70
C ALA B 137 26.58 11.68 -27.73
N THR B 138 26.13 11.30 -26.53
CA THR B 138 26.99 10.66 -25.50
C THR B 138 27.42 9.27 -26.00
N VAL B 139 26.50 8.51 -26.58
CA VAL B 139 26.81 7.16 -27.15
C VAL B 139 27.86 7.33 -28.26
N ASP B 140 27.68 8.30 -29.15
CA ASP B 140 28.63 8.58 -30.27
C ASP B 140 30.02 8.83 -29.68
N ASP B 141 30.10 9.62 -28.61
CA ASP B 141 31.38 10.00 -27.98
C ASP B 141 32.03 8.77 -27.33
N GLU B 142 31.26 7.94 -26.62
CA GLU B 142 31.81 6.86 -25.75
C GLU B 142 31.96 5.55 -26.52
N SER B 143 31.03 5.23 -27.42
CA SER B 143 31.00 3.95 -28.18
C SER B 143 31.65 4.15 -29.56
N GLY B 144 31.92 5.39 -29.94
CA GLY B 144 32.43 5.74 -31.29
C GLY B 144 31.28 6.04 -32.26
N PRO B 145 31.53 6.83 -33.32
CA PRO B 145 30.46 7.29 -34.21
C PRO B 145 29.83 6.19 -35.11
N ASP B 146 30.40 4.99 -35.12
CA ASP B 146 29.95 3.85 -35.97
C ASP B 146 28.98 2.93 -35.20
N ALA B 147 28.90 3.05 -33.87
CA ALA B 147 28.14 2.12 -33.00
C ALA B 147 26.64 2.19 -33.35
N LEU B 148 26.01 3.37 -33.27
CA LEU B 148 24.54 3.47 -33.49
C LEU B 148 24.21 3.21 -34.96
N PRO B 149 24.94 3.76 -35.94
CA PRO B 149 24.71 3.40 -37.34
C PRO B 149 24.78 1.89 -37.62
N GLY B 150 25.65 1.16 -36.91
CA GLY B 150 25.72 -0.31 -36.94
C GLY B 150 24.42 -0.94 -36.47
N VAL B 151 23.85 -0.43 -35.38
CA VAL B 151 22.55 -0.93 -34.83
C VAL B 151 21.45 -0.63 -35.86
N GLY B 152 21.42 0.61 -36.37
CA GLY B 152 20.43 1.04 -37.38
C GLY B 152 20.46 0.14 -38.60
N ALA B 153 21.66 -0.17 -39.11
CA ALA B 153 21.85 -1.03 -40.31
C ALA B 153 21.33 -2.44 -40.01
N TRP B 154 21.65 -2.99 -38.84
CA TRP B 154 21.22 -4.34 -38.39
C TRP B 154 19.69 -4.42 -38.37
N LEU B 155 19.02 -3.37 -37.86
CA LEU B 155 17.54 -3.34 -37.69
C LEU B 155 16.83 -3.34 -39.06
N ILE B 156 17.35 -2.62 -40.07
CA ILE B 156 16.62 -2.38 -41.35
C ILE B 156 17.15 -3.33 -42.45
N GLU B 157 18.04 -4.27 -42.10
CA GLU B 157 18.54 -5.33 -43.03
C GLU B 157 17.39 -6.27 -43.38
N MET C 1 -14.99 -17.48 5.94
CA MET C 1 -15.12 -17.32 7.42
C MET C 1 -14.84 -15.87 7.80
N LYS C 2 -15.78 -15.21 8.49
CA LYS C 2 -15.57 -13.82 8.98
C LYS C 2 -15.07 -13.90 10.43
N LEU C 3 -15.09 -12.79 11.17
CA LEU C 3 -14.67 -12.81 12.58
C LEU C 3 -15.70 -13.56 13.42
N SER C 4 -15.24 -14.30 14.42
CA SER C 4 -16.13 -15.07 15.33
C SER C 4 -16.95 -14.09 16.19
N GLY C 5 -18.06 -14.57 16.74
CA GLY C 5 -18.97 -13.79 17.61
C GLY C 5 -18.27 -13.24 18.84
N GLY C 6 -17.18 -13.89 19.26
CA GLY C 6 -16.43 -13.55 20.47
C GLY C 6 -15.77 -12.18 20.39
N VAL C 7 -15.53 -11.66 19.18
CA VAL C 7 -14.81 -10.36 19.03
C VAL C 7 -15.71 -9.24 19.58
N GLU C 8 -16.96 -9.18 19.13
CA GLU C 8 -17.95 -8.18 19.61
C GLU C 8 -18.02 -8.24 21.13
N TRP C 9 -18.21 -9.42 21.70
CA TRP C 9 -18.31 -9.61 23.16
C TRP C 9 -17.03 -9.11 23.86
N ALA C 10 -15.84 -9.48 23.37
CA ALA C 10 -14.56 -9.19 24.05
C ALA C 10 -14.32 -7.68 24.05
N LEU C 11 -14.67 -6.99 22.96
CA LEU C 11 -14.50 -5.51 22.88
C LEU C 11 -15.43 -4.83 23.90
N HIS C 12 -16.69 -5.28 23.97
CA HIS C 12 -17.65 -4.75 24.99
C HIS C 12 -17.14 -5.03 26.42
N CYS C 13 -16.65 -6.24 26.67
CA CYS C 13 -16.13 -6.66 27.98
C CYS C 13 -14.99 -5.71 28.41
N CYS C 14 -14.04 -5.41 27.52
CA CYS C 14 -12.92 -4.50 27.84
C CYS C 14 -13.47 -3.11 28.22
N VAL C 15 -14.47 -2.62 27.51
CA VAL C 15 -15.06 -1.28 27.77
C VAL C 15 -15.73 -1.30 29.16
N VAL C 16 -16.49 -2.35 29.48
CA VAL C 16 -17.24 -2.45 30.76
C VAL C 16 -16.26 -2.58 31.94
N LEU C 17 -15.16 -3.32 31.77
CA LEU C 17 -14.13 -3.45 32.83
C LEU C 17 -13.45 -2.09 33.08
N THR C 18 -13.24 -1.29 32.04
CA THR C 18 -12.66 0.06 32.20
C THR C 18 -13.63 0.90 33.03
N ALA C 19 -14.93 0.79 32.74
CA ALA C 19 -16.01 1.55 33.42
C ALA C 19 -16.01 1.22 34.92
N ALA C 20 -15.87 -0.06 35.26
CA ALA C 20 -15.87 -0.50 36.67
C ALA C 20 -14.64 0.05 37.38
N SER C 21 -13.47 -0.07 36.75
CA SER C 21 -12.18 0.44 37.28
C SER C 21 -11.85 -0.18 38.66
N ARG C 22 -12.38 -1.38 38.92
CA ARG C 22 -12.23 -2.19 40.16
C ARG C 22 -12.61 -3.63 39.76
N PRO C 23 -12.15 -4.68 40.49
CA PRO C 23 -12.40 -6.06 40.07
C PRO C 23 -13.90 -6.36 39.96
N VAL C 24 -14.29 -7.02 38.87
CA VAL C 24 -15.70 -7.40 38.62
C VAL C 24 -15.78 -8.93 38.64
N PRO C 25 -16.48 -9.52 39.61
CA PRO C 25 -16.61 -10.96 39.68
C PRO C 25 -17.36 -11.53 38.46
N ALA C 26 -17.05 -12.78 38.10
CA ALA C 26 -17.70 -13.52 37.00
C ALA C 26 -19.23 -13.39 37.10
N ALA C 27 -19.79 -13.54 38.30
CA ALA C 27 -21.26 -13.58 38.54
C ALA C 27 -21.89 -12.26 38.09
N ARG C 28 -21.21 -11.13 38.35
CA ARG C 28 -21.76 -9.79 38.04
C ARG C 28 -21.67 -9.52 36.55
N LEU C 29 -20.54 -9.88 35.93
CA LEU C 29 -20.42 -9.77 34.44
C LEU C 29 -21.48 -10.66 33.79
N ALA C 30 -21.68 -11.87 34.32
CA ALA C 30 -22.63 -12.84 33.75
C ALA C 30 -24.05 -12.25 33.84
N GLU C 31 -24.37 -11.63 34.95
CA GLU C 31 -25.72 -11.01 35.13
C GLU C 31 -25.93 -9.90 34.09
N LEU C 32 -24.93 -9.05 33.90
CA LEU C 32 -25.00 -7.93 32.93
C LEU C 32 -25.30 -8.48 31.53
N ALA C 33 -24.70 -9.60 31.17
CA ALA C 33 -24.78 -10.19 29.81
C ALA C 33 -25.91 -11.23 29.73
N ASP C 34 -26.61 -11.49 30.83
CA ASP C 34 -27.72 -12.48 30.90
C ASP C 34 -27.21 -13.87 30.50
N VAL C 35 -26.06 -14.31 31.04
CA VAL C 35 -25.53 -15.69 30.90
C VAL C 35 -25.16 -16.23 32.29
N SER C 36 -24.85 -17.52 32.39
CA SER C 36 -24.37 -18.17 33.63
C SER C 36 -22.95 -17.70 33.94
N PRO C 37 -22.57 -17.62 35.23
CA PRO C 37 -21.19 -17.38 35.63
C PRO C 37 -20.19 -18.35 34.99
N SER C 38 -20.53 -19.64 34.87
CA SER C 38 -19.62 -20.66 34.29
C SER C 38 -19.44 -20.41 32.79
N TYR C 39 -20.50 -20.00 32.09
CA TYR C 39 -20.38 -19.68 30.64
C TYR C 39 -19.52 -18.43 30.46
N LEU C 40 -19.75 -17.38 31.28
CA LEU C 40 -18.97 -16.12 31.22
C LEU C 40 -17.49 -16.46 31.45
N ALA C 41 -17.18 -17.24 32.47
CA ALA C 41 -15.79 -17.58 32.85
C ALA C 41 -15.07 -18.26 31.67
N LYS C 42 -15.77 -19.13 30.92
CA LYS C 42 -15.20 -19.82 29.72
C LYS C 42 -14.84 -18.78 28.65
N GLN C 43 -15.71 -17.79 28.41
CA GLN C 43 -15.47 -16.74 27.39
C GLN C 43 -14.27 -15.86 27.82
N MET C 44 -14.08 -15.63 29.13
CA MET C 44 -13.01 -14.75 29.65
C MET C 44 -11.63 -15.37 29.37
N GLN C 45 -11.56 -16.68 29.13
CA GLN C 45 -10.28 -17.43 29.00
C GLN C 45 -9.47 -16.88 27.82
N ALA C 46 -10.09 -16.51 26.70
CA ALA C 46 -9.40 -15.93 25.52
C ALA C 46 -8.67 -14.65 25.91
N LEU C 47 -9.32 -13.78 26.68
CA LEU C 47 -8.71 -12.50 27.13
C LEU C 47 -7.62 -12.77 28.18
N SER C 48 -7.81 -13.75 29.09
CA SER C 48 -6.80 -14.06 30.14
C SER C 48 -5.58 -14.74 29.51
N ARG C 49 -5.77 -15.67 28.58
CA ARG C 49 -4.65 -16.33 27.85
C ARG C 49 -3.81 -15.30 27.09
N ALA C 50 -4.44 -14.26 26.53
CA ALA C 50 -3.77 -13.18 25.77
C ALA C 50 -3.12 -12.15 26.69
N GLY C 51 -3.27 -12.29 28.02
CA GLY C 51 -2.68 -11.37 29.01
C GLY C 51 -3.37 -10.02 29.05
N LEU C 52 -4.65 -9.94 28.66
CA LEU C 52 -5.39 -8.66 28.64
C LEU C 52 -6.20 -8.51 29.92
N VAL C 53 -6.63 -9.63 30.48
CA VAL C 53 -7.43 -9.67 31.74
C VAL C 53 -6.70 -10.57 32.75
N ARG C 54 -6.82 -10.29 34.04
CA ARG C 54 -6.35 -11.21 35.10
C ARG C 54 -7.42 -11.27 36.20
N SER C 55 -7.32 -12.28 37.06
CA SER C 55 -8.24 -12.51 38.21
C SER C 55 -7.57 -12.01 39.49
N VAL C 56 -8.25 -11.14 40.23
CA VAL C 56 -7.85 -10.67 41.58
C VAL C 56 -8.64 -11.52 42.59
N GLN C 57 -7.99 -11.98 43.66
CA GLN C 57 -8.64 -12.83 44.71
C GLN C 57 -9.20 -11.94 45.82
N GLY C 58 -9.74 -12.54 46.88
CA GLY C 58 -10.29 -11.80 48.03
C GLY C 58 -11.78 -11.55 47.88
N LYS C 59 -12.39 -10.89 48.86
CA LYS C 59 -13.86 -10.72 49.00
C LYS C 59 -14.41 -9.76 47.94
N THR C 60 -13.62 -8.78 47.45
CA THR C 60 -14.04 -7.88 46.36
C THR C 60 -13.19 -8.18 45.11
N GLY C 61 -12.82 -9.45 44.92
CA GLY C 61 -12.04 -9.93 43.76
C GLY C 61 -12.87 -10.05 42.50
N GLY C 62 -12.26 -10.50 41.42
CA GLY C 62 -12.90 -10.55 40.11
C GLY C 62 -11.90 -10.20 39.02
N TYR C 63 -12.41 -9.95 37.82
CA TYR C 63 -11.61 -9.67 36.61
C TYR C 63 -11.22 -8.19 36.60
N VAL C 64 -9.99 -7.93 36.14
CA VAL C 64 -9.47 -6.57 35.86
C VAL C 64 -8.68 -6.64 34.55
N LEU C 65 -8.59 -5.52 33.87
CA LEU C 65 -7.62 -5.33 32.75
C LEU C 65 -6.20 -5.39 33.35
N THR C 66 -5.24 -5.95 32.62
CA THR C 66 -3.83 -6.11 33.08
C THR C 66 -3.06 -4.79 32.88
N ARG C 67 -3.57 -3.89 32.05
CA ARG C 67 -2.92 -2.59 31.80
C ARG C 67 -3.96 -1.54 31.47
N PRO C 68 -3.60 -0.25 31.47
CA PRO C 68 -4.55 0.81 31.10
C PRO C 68 -5.19 0.62 29.73
N ALA C 69 -6.44 1.06 29.60
CA ALA C 69 -7.28 0.95 28.39
C ALA C 69 -6.58 1.60 27.17
N VAL C 70 -5.82 2.68 27.39
CA VAL C 70 -5.06 3.34 26.28
C VAL C 70 -3.95 2.43 25.76
N GLU C 71 -3.55 1.39 26.52
CA GLU C 71 -2.46 0.46 26.10
C GLU C 71 -3.04 -0.84 25.55
N ILE C 72 -4.36 -0.89 25.34
CA ILE C 72 -5.04 -2.08 24.72
C ILE C 72 -5.66 -1.62 23.41
N THR C 73 -5.12 -2.10 22.29
CA THR C 73 -5.62 -1.75 20.96
C THR C 73 -6.73 -2.72 20.56
N LEU C 74 -7.53 -2.32 19.56
CA LEU C 74 -8.58 -3.21 19.00
C LEU C 74 -7.87 -4.43 18.41
N LEU C 75 -6.67 -4.26 17.86
CA LEU C 75 -5.93 -5.38 17.24
C LEU C 75 -5.56 -6.41 18.31
N ASP C 76 -5.15 -5.95 19.50
CA ASP C 76 -4.83 -6.82 20.67
C ASP C 76 -6.04 -7.71 20.97
N VAL C 77 -7.25 -7.13 21.02
CA VAL C 77 -8.47 -7.88 21.39
C VAL C 77 -8.88 -8.83 20.25
N VAL C 78 -8.83 -8.38 19.00
CA VAL C 78 -9.27 -9.18 17.82
C VAL C 78 -8.36 -10.42 17.74
N GLN C 79 -7.05 -10.24 17.91
CA GLN C 79 -6.06 -11.34 17.83
C GLN C 79 -6.17 -12.25 19.07
N ALA C 80 -6.53 -11.72 20.23
CA ALA C 80 -6.81 -12.53 21.43
C ALA C 80 -7.89 -13.57 21.12
N VAL C 81 -8.94 -13.15 20.40
CA VAL C 81 -10.14 -14.00 20.16
C VAL C 81 -9.91 -14.86 18.91
N ASP C 82 -9.50 -14.26 17.79
CA ASP C 82 -9.54 -14.93 16.47
C ASP C 82 -8.15 -15.32 15.99
N GLY C 83 -7.13 -15.01 16.77
CA GLY C 83 -5.72 -15.39 16.47
C GLY C 83 -5.09 -14.52 15.39
N PRO C 84 -3.83 -14.80 15.02
CA PRO C 84 -3.04 -13.92 14.16
C PRO C 84 -3.05 -14.23 12.65
N ASP C 85 -3.81 -15.24 12.20
CA ASP C 85 -3.69 -15.74 10.80
C ASP C 85 -4.31 -14.72 9.84
N PRO C 86 -3.64 -14.40 8.72
CA PRO C 86 -4.22 -13.49 7.74
C PRO C 86 -5.40 -14.13 6.99
N ALA C 87 -6.33 -13.30 6.52
CA ALA C 87 -7.56 -13.70 5.81
C ALA C 87 -7.19 -14.36 4.48
N PHE C 88 -6.19 -13.83 3.78
CA PHE C 88 -5.76 -14.39 2.48
C PHE C 88 -4.59 -15.34 2.70
N VAL C 89 -4.75 -16.58 2.24
CA VAL C 89 -3.74 -17.66 2.39
C VAL C 89 -3.26 -18.03 1.00
N CYS C 90 -1.99 -17.80 0.72
CA CYS C 90 -1.36 -18.22 -0.57
C CYS C 90 -1.07 -19.72 -0.50
N THR C 91 -1.57 -20.49 -1.47
CA THR C 91 -1.35 -21.96 -1.56
C THR C 91 -0.30 -22.24 -2.65
N GLU C 92 0.35 -21.19 -3.15
CA GLU C 92 1.51 -21.33 -4.09
C GLU C 92 1.02 -22.03 -5.37
N ILE C 93 -0.14 -21.63 -5.91
CA ILE C 93 -0.67 -22.21 -7.18
C ILE C 93 0.29 -21.91 -8.35
N ARG C 94 1.17 -20.90 -8.23
CA ARG C 94 2.20 -20.60 -9.26
C ARG C 94 3.20 -21.76 -9.43
N GLN C 95 3.25 -22.68 -8.47
CA GLN C 95 4.12 -23.90 -8.53
C GLN C 95 3.40 -25.06 -9.22
N ARG C 96 2.20 -24.85 -9.78
CA ARG C 96 1.37 -25.90 -10.45
C ARG C 96 1.63 -25.86 -11.97
N GLY C 97 1.50 -27.02 -12.62
CA GLY C 97 1.31 -27.15 -14.07
C GLY C 97 2.62 -27.06 -14.86
N PRO C 98 2.54 -27.11 -16.22
CA PRO C 98 3.72 -27.21 -17.06
C PRO C 98 4.62 -25.97 -17.12
N LEU C 99 4.14 -24.80 -16.70
CA LEU C 99 4.96 -23.56 -16.65
C LEU C 99 5.13 -23.14 -15.18
N ALA C 100 5.07 -24.11 -14.27
CA ALA C 100 5.26 -23.93 -12.80
C ALA C 100 6.52 -23.12 -12.54
N THR C 101 6.44 -22.14 -11.65
CA THR C 101 7.62 -21.42 -11.12
C THR C 101 8.39 -22.42 -10.25
N PRO C 102 9.68 -22.71 -10.56
CA PRO C 102 10.44 -23.67 -9.76
C PRO C 102 10.59 -23.15 -8.33
N PRO C 103 10.63 -24.03 -7.30
CA PRO C 103 10.73 -23.60 -5.91
C PRO C 103 11.88 -22.62 -5.63
N GLU C 104 13.03 -22.84 -6.27
CA GLU C 104 14.24 -21.98 -6.11
C GLU C 104 13.92 -20.54 -6.49
N LYS C 105 12.84 -20.30 -7.24
CA LYS C 105 12.41 -18.91 -7.59
C LYS C 105 11.23 -18.47 -6.71
N CYS C 106 10.85 -19.26 -5.71
CA CYS C 106 9.66 -18.98 -4.85
C CYS C 106 10.05 -18.67 -3.40
N THR C 107 11.15 -17.95 -3.22
CA THR C 107 11.62 -17.49 -1.88
C THR C 107 10.82 -16.25 -1.49
N LYS C 108 10.79 -15.24 -2.38
CA LYS C 108 9.94 -14.04 -2.22
C LYS C 108 8.48 -14.41 -2.48
N ALA C 109 7.55 -13.78 -1.75
CA ALA C 109 6.11 -14.05 -1.90
C ALA C 109 5.65 -13.65 -3.30
N CYS C 110 4.65 -14.36 -3.82
CA CYS C 110 3.93 -14.01 -5.06
C CYS C 110 3.48 -12.56 -4.97
N PRO C 111 3.64 -11.73 -6.04
CA PRO C 111 3.18 -10.35 -6.02
C PRO C 111 1.70 -10.21 -5.66
N ILE C 112 0.86 -11.18 -6.06
CA ILE C 112 -0.59 -11.19 -5.72
C ILE C 112 -0.73 -11.34 -4.20
N ALA C 113 -0.03 -12.31 -3.61
CA ALA C 113 -0.02 -12.55 -2.14
C ALA C 113 0.43 -11.27 -1.43
N ARG C 114 1.46 -10.59 -1.95
N ARG C 114 1.46 -10.60 -1.96
CA ARG C 114 2.04 -9.37 -1.32
CA ARG C 114 2.03 -9.37 -1.34
C ARG C 114 1.00 -8.24 -1.34
C ARG C 114 0.99 -8.25 -1.35
N ALA C 115 0.28 -8.07 -2.46
CA ALA C 115 -0.78 -7.04 -2.57
C ALA C 115 -1.91 -7.35 -1.57
N MET C 116 -2.32 -8.61 -1.47
CA MET C 116 -3.37 -9.01 -0.49
C MET C 116 -2.85 -8.75 0.93
N GLY C 117 -1.59 -9.06 1.20
CA GLY C 117 -0.95 -8.81 2.51
C GLY C 117 -0.92 -7.34 2.87
N ALA C 118 -0.63 -6.47 1.89
CA ALA C 118 -0.62 -5.00 2.08
C ALA C 118 -2.02 -4.50 2.46
N ALA C 119 -3.08 -5.07 1.87
CA ALA C 119 -4.47 -4.70 2.21
C ALA C 119 -4.77 -5.10 3.65
N GLU C 120 -4.41 -6.32 4.03
CA GLU C 120 -4.55 -6.83 5.43
C GLU C 120 -3.79 -5.89 6.40
N ALA C 121 -2.58 -5.45 6.04
CA ALA C 121 -1.75 -4.55 6.86
C ALA C 121 -2.52 -3.24 7.14
N ALA C 122 -3.30 -2.74 6.18
CA ALA C 122 -4.12 -1.51 6.36
C ALA C 122 -5.23 -1.76 7.40
N TRP C 123 -5.85 -2.93 7.35
CA TRP C 123 -6.90 -3.35 8.32
C TRP C 123 -6.30 -3.42 9.72
N ARG C 124 -5.13 -4.04 9.84
CA ARG C 124 -4.44 -4.22 11.14
C ARG C 124 -3.98 -2.86 11.67
N ALA C 125 -3.49 -1.99 10.78
CA ALA C 125 -3.01 -0.65 11.17
C ALA C 125 -4.18 0.14 11.79
N SER C 126 -5.35 0.10 11.17
CA SER C 126 -6.57 0.76 11.68
C SER C 126 -6.93 0.23 13.07
N LEU C 127 -6.96 -1.10 13.25
CA LEU C 127 -7.28 -1.73 14.56
C LEU C 127 -6.18 -1.39 15.59
N ALA C 128 -4.91 -1.33 15.20
CA ALA C 128 -3.76 -1.06 16.08
C ALA C 128 -3.78 0.41 16.55
N ALA C 129 -4.37 1.31 15.75
CA ALA C 129 -4.34 2.78 15.97
C ALA C 129 -5.50 3.21 16.85
N THR C 130 -6.43 2.29 17.18
CA THR C 130 -7.62 2.56 18.04
C THR C 130 -7.46 1.78 19.35
N THR C 131 -7.86 2.36 20.48
CA THR C 131 -7.66 1.75 21.82
C THR C 131 -9.02 1.57 22.48
N ILE C 132 -9.06 0.73 23.52
CA ILE C 132 -10.25 0.61 24.40
C ILE C 132 -10.57 2.01 24.98
N ALA C 133 -9.55 2.82 25.29
CA ALA C 133 -9.76 4.20 25.83
C ALA C 133 -10.55 5.03 24.81
N ASP C 134 -10.25 4.89 23.52
CA ASP C 134 -11.00 5.61 22.46
C ASP C 134 -12.48 5.20 22.49
N LEU C 135 -12.75 3.90 22.59
CA LEU C 135 -14.15 3.42 22.63
C LEU C 135 -14.87 4.00 23.85
N VAL C 136 -14.22 3.99 25.01
CA VAL C 136 -14.81 4.53 26.27
C VAL C 136 -15.11 6.01 26.08
N ALA C 137 -14.18 6.77 25.49
CA ALA C 137 -14.34 8.22 25.25
C ALA C 137 -15.56 8.48 24.35
N THR C 138 -15.74 7.66 23.31
CA THR C 138 -16.87 7.82 22.37
C THR C 138 -18.17 7.46 23.09
N VAL C 139 -18.18 6.40 23.89
CA VAL C 139 -19.39 6.01 24.67
C VAL C 139 -19.75 7.17 25.62
N ASP C 140 -18.76 7.72 26.32
CA ASP C 140 -18.96 8.88 27.24
C ASP C 140 -19.62 10.02 26.46
N ASP C 141 -18.99 10.43 25.35
N ASP C 141 -18.98 10.41 25.36
CA ASP C 141 -19.44 11.59 24.56
CA ASP C 141 -19.40 11.55 24.50
C ASP C 141 -20.87 11.37 24.02
C ASP C 141 -20.85 11.36 24.04
N GLU C 142 -21.22 10.14 23.65
CA GLU C 142 -22.55 9.86 23.05
C GLU C 142 -23.61 9.38 24.04
N SER C 143 -23.22 8.67 25.10
CA SER C 143 -24.21 8.14 26.07
C SER C 143 -24.32 9.10 27.26
N GLY C 144 -23.40 10.06 27.36
CA GLY C 144 -23.33 11.01 28.47
C GLY C 144 -22.24 10.60 29.44
N PRO C 145 -21.72 11.51 30.28
CA PRO C 145 -20.63 11.16 31.19
C PRO C 145 -21.07 10.27 32.37
N ASP C 146 -22.37 10.00 32.51
CA ASP C 146 -22.96 9.24 33.64
C ASP C 146 -23.23 7.78 33.25
N ALA C 147 -23.26 7.47 31.96
CA ALA C 147 -23.66 6.14 31.44
C ALA C 147 -22.71 5.04 31.95
N LEU C 148 -21.42 5.12 31.62
CA LEU C 148 -20.49 4.02 31.95
C LEU C 148 -20.26 3.97 33.46
N PRO C 149 -20.10 5.12 34.16
CA PRO C 149 -20.00 5.09 35.62
C PRO C 149 -21.19 4.35 36.23
N GLY C 150 -22.39 4.51 35.66
CA GLY C 150 -23.61 3.80 36.10
C GLY C 150 -23.42 2.30 35.96
N VAL C 151 -22.87 1.86 34.84
CA VAL C 151 -22.61 0.41 34.59
C VAL C 151 -21.58 -0.07 35.61
N GLY C 152 -20.50 0.69 35.79
CA GLY C 152 -19.42 0.39 36.75
C GLY C 152 -19.98 0.20 38.14
N ALA C 153 -20.82 1.14 38.59
CA ALA C 153 -21.40 1.13 39.95
C ALA C 153 -22.27 -0.12 40.11
N TRP C 154 -23.12 -0.40 39.13
CA TRP C 154 -24.05 -1.56 39.12
C TRP C 154 -23.23 -2.85 39.27
N LEU C 155 -22.09 -2.96 38.60
CA LEU C 155 -21.28 -4.20 38.63
C LEU C 155 -20.67 -4.44 40.02
N ILE C 156 -20.21 -3.39 40.68
CA ILE C 156 -19.39 -3.53 41.91
C ILE C 156 -20.20 -3.17 43.17
N GLU C 157 -21.46 -2.78 43.04
CA GLU C 157 -22.22 -2.32 44.24
C GLU C 157 -22.46 -3.51 45.17
N GLY C 158 -22.21 -3.33 46.46
CA GLY C 158 -22.53 -4.36 47.46
C GLY C 158 -21.52 -5.50 47.55
N LEU C 159 -20.44 -5.49 46.76
CA LEU C 159 -19.46 -6.62 46.80
C LEU C 159 -18.75 -6.65 48.16
N GLY C 160 -18.67 -7.84 48.76
CA GLY C 160 -18.02 -8.03 50.07
C GLY C 160 -18.95 -7.75 51.23
N HIS C 161 -20.22 -7.45 50.93
CA HIS C 161 -21.30 -7.26 51.92
C HIS C 161 -22.38 -8.32 51.69
N HIS C 162 -22.92 -8.88 52.77
CA HIS C 162 -23.97 -9.90 52.71
C HIS C 162 -25.30 -9.23 53.06
N HIS C 163 -26.27 -9.25 52.15
CA HIS C 163 -27.62 -8.69 52.39
C HIS C 163 -28.64 -9.83 52.32
N MET D 1 5.44 5.54 -9.59
CA MET D 1 6.46 5.98 -8.60
C MET D 1 5.74 6.63 -7.40
N LYS D 2 6.06 6.20 -6.17
CA LYS D 2 5.43 6.80 -4.96
C LYS D 2 6.31 6.58 -3.71
N LEU D 3 6.49 7.65 -2.94
CA LEU D 3 7.10 7.55 -1.60
C LEU D 3 6.04 6.98 -0.66
N SER D 4 6.44 6.25 0.37
CA SER D 4 5.49 5.67 1.35
C SER D 4 4.81 6.78 2.16
N GLY D 5 3.65 6.45 2.75
CA GLY D 5 2.85 7.37 3.59
C GLY D 5 3.60 7.87 4.81
N GLY D 6 4.67 7.18 5.22
CA GLY D 6 5.45 7.51 6.43
C GLY D 6 6.25 8.81 6.28
N VAL D 7 6.57 9.22 5.05
CA VAL D 7 7.38 10.44 4.79
C VAL D 7 6.58 11.66 5.27
N GLU D 8 5.33 11.80 4.83
CA GLU D 8 4.45 12.91 5.22
C GLU D 8 4.40 12.99 6.75
N TRP D 9 4.15 11.86 7.42
CA TRP D 9 4.06 11.84 8.90
CA TRP D 9 4.06 11.80 8.91
C TRP D 9 5.35 12.23 9.64
N ALA D 10 6.48 11.73 9.14
CA ALA D 10 7.81 11.97 9.75
C ALA D 10 8.19 13.45 9.60
N LEU D 11 7.88 14.08 8.47
CA LEU D 11 8.20 15.52 8.27
C LEU D 11 7.33 16.36 9.23
N HIS D 12 6.05 16.03 9.35
CA HIS D 12 5.16 16.74 10.31
C HIS D 12 5.67 16.52 11.74
N CYS D 13 6.04 15.28 12.09
CA CYS D 13 6.54 14.91 13.43
C CYS D 13 7.77 15.77 13.78
N CYS D 14 8.74 15.89 12.87
CA CYS D 14 9.96 16.70 13.11
C CYS D 14 9.59 18.16 13.35
N VAL D 15 8.63 18.70 12.61
CA VAL D 15 8.17 20.10 12.77
C VAL D 15 7.52 20.28 14.15
N VAL D 16 6.65 19.37 14.57
CA VAL D 16 5.94 19.55 15.88
C VAL D 16 6.92 19.34 17.04
N LEU D 17 7.93 18.47 16.91
CA LEU D 17 8.96 18.30 17.97
C LEU D 17 9.79 19.58 18.11
N THR D 18 10.02 20.33 17.04
CA THR D 18 10.76 21.61 17.06
C THR D 18 9.94 22.61 17.87
N ALA D 19 8.62 22.57 17.71
CA ALA D 19 7.66 23.49 18.37
C ALA D 19 7.62 23.25 19.88
N ALA D 20 7.85 22.01 20.33
CA ALA D 20 7.78 21.65 21.77
C ALA D 20 9.08 22.04 22.46
N SER D 21 10.22 21.83 21.79
CA SER D 21 11.60 22.08 22.28
C SER D 21 11.75 21.63 23.75
N ARG D 22 11.06 20.54 24.09
CA ARG D 22 11.16 19.77 25.37
C ARG D 22 10.67 18.36 25.07
N PRO D 23 11.01 17.32 25.88
CA PRO D 23 10.59 15.96 25.54
C PRO D 23 9.07 15.86 25.46
N VAL D 24 8.58 15.20 24.41
CA VAL D 24 7.12 14.98 24.17
C VAL D 24 6.84 13.50 24.39
N PRO D 25 6.07 13.15 25.46
CA PRO D 25 5.74 11.77 25.74
C PRO D 25 4.98 11.13 24.58
N ALA D 26 5.19 9.83 24.36
CA ALA D 26 4.52 9.03 23.30
C ALA D 26 3.01 9.29 23.36
N ALA D 27 2.41 9.22 24.54
CA ALA D 27 0.94 9.27 24.71
C ALA D 27 0.40 10.61 24.20
N ARG D 28 1.12 11.72 24.45
CA ARG D 28 0.68 13.08 24.04
C ARG D 28 0.85 13.24 22.53
N LEU D 29 1.98 12.77 21.97
CA LEU D 29 2.20 12.79 20.51
C LEU D 29 1.10 11.95 19.83
N ALA D 30 0.74 10.81 20.42
CA ALA D 30 -0.26 9.88 19.86
C ALA D 30 -1.63 10.56 19.89
N GLU D 31 -1.97 11.25 20.98
CA GLU D 31 -3.23 12.02 21.07
C GLU D 31 -3.29 13.09 19.97
N LEU D 32 -2.20 13.83 19.74
CA LEU D 32 -2.16 14.89 18.70
C LEU D 32 -2.52 14.31 17.33
N ALA D 33 -2.03 13.10 17.03
CA ALA D 33 -2.13 12.43 15.72
C ALA D 33 -3.35 11.49 15.67
N ASP D 34 -4.10 11.40 16.78
CA ASP D 34 -5.32 10.57 16.95
C ASP D 34 -4.99 9.10 16.63
N VAL D 35 -3.88 8.58 17.17
CA VAL D 35 -3.50 7.14 17.10
C VAL D 35 -3.17 6.65 18.52
N SER D 36 -3.08 5.35 18.69
CA SER D 36 -2.69 4.70 19.97
C SER D 36 -1.21 5.00 20.22
N PRO D 37 -0.77 5.10 21.49
CA PRO D 37 0.65 5.16 21.80
C PRO D 37 1.49 4.03 21.17
N SER D 38 0.95 2.80 21.14
N SER D 38 0.95 2.80 21.16
CA SER D 38 1.61 1.58 20.58
CA SER D 38 1.65 1.60 20.61
C SER D 38 1.89 1.80 19.09
C SER D 38 1.88 1.78 19.10
N TYR D 39 0.90 2.30 18.37
CA TYR D 39 1.01 2.56 16.92
C TYR D 39 2.01 3.69 16.66
N LEU D 40 1.95 4.77 17.46
CA LEU D 40 2.88 5.93 17.37
C LEU D 40 4.32 5.43 17.53
N ALA D 41 4.58 4.62 18.57
CA ALA D 41 5.93 4.10 18.88
C ALA D 41 6.50 3.35 17.66
N LYS D 42 5.68 2.53 16.99
CA LYS D 42 6.09 1.77 15.78
C LYS D 42 6.49 2.73 14.65
N GLN D 43 5.75 3.83 14.49
CA GLN D 43 6.03 4.84 13.43
C GLN D 43 7.33 5.60 13.75
N MET D 44 7.62 5.83 15.03
CA MET D 44 8.81 6.61 15.47
C MET D 44 10.10 5.82 15.22
N GLN D 45 10.01 4.51 15.00
CA GLN D 45 11.19 3.61 14.90
C GLN D 45 12.08 4.03 13.73
N ALA D 46 11.51 4.42 12.59
CA ALA D 46 12.28 4.87 11.40
C ALA D 46 13.14 6.08 11.77
N LEU D 47 12.56 7.09 12.44
CA LEU D 47 13.29 8.31 12.86
C LEU D 47 14.34 7.98 13.93
N SER D 48 14.06 7.08 14.88
CA SER D 48 15.04 6.77 15.95
C SER D 48 16.19 5.93 15.37
N ARG D 49 15.90 4.98 14.49
CA ARG D 49 16.96 4.16 13.82
C ARG D 49 17.89 5.04 13.00
N ALA D 50 17.37 6.10 12.38
CA ALA D 50 18.16 7.04 11.57
C ALA D 50 18.92 8.03 12.45
N GLY D 51 18.69 8.02 13.77
CA GLY D 51 19.39 8.91 14.72
C GLY D 51 18.86 10.33 14.67
N LEU D 52 17.59 10.52 14.27
CA LEU D 52 16.98 11.88 14.17
C LEU D 52 16.20 12.18 15.45
N VAL D 53 15.65 11.14 16.07
CA VAL D 53 14.86 11.26 17.33
C VAL D 53 15.46 10.30 18.36
N ARG D 54 15.39 10.63 19.64
CA ARG D 54 15.77 9.72 20.73
C ARG D 54 14.73 9.87 21.84
N SER D 55 14.73 8.91 22.77
CA SER D 55 13.78 8.87 23.92
C SER D 55 14.52 9.32 25.18
N VAL D 56 13.99 10.33 25.85
CA VAL D 56 14.54 10.79 27.16
C VAL D 56 13.72 10.11 28.25
N GLN D 57 14.38 9.62 29.31
CA GLN D 57 13.70 8.92 30.44
C GLN D 57 13.28 9.94 31.49
N GLY D 58 12.67 9.47 32.59
CA GLY D 58 12.25 10.38 33.66
C GLY D 58 10.77 10.72 33.56
N LYS D 59 10.30 11.58 34.46
CA LYS D 59 8.87 11.95 34.67
C LYS D 59 8.42 12.98 33.62
N THR D 60 9.32 13.82 33.11
CA THR D 60 9.01 14.70 31.95
C THR D 60 9.78 14.21 30.72
N GLY D 61 9.93 12.89 30.58
CA GLY D 61 10.61 12.25 29.44
C GLY D 61 9.72 12.22 28.20
N GLY D 62 10.22 11.58 27.14
CA GLY D 62 9.54 11.54 25.85
C GLY D 62 10.52 11.69 24.71
N TYR D 63 10.01 11.96 23.52
CA TYR D 63 10.80 12.05 22.26
C TYR D 63 11.39 13.46 22.12
N VAL D 64 12.63 13.53 21.66
CA VAL D 64 13.31 14.80 21.29
C VAL D 64 14.06 14.56 19.98
N LEU D 65 14.23 15.63 19.21
CA LEU D 65 15.20 15.67 18.08
C LEU D 65 16.61 15.51 18.65
N THR D 66 17.49 14.81 17.95
CA THR D 66 18.86 14.50 18.42
C THR D 66 19.78 15.68 18.11
N ARG D 67 19.37 16.60 17.24
CA ARG D 67 20.16 17.82 16.90
C ARG D 67 19.22 18.93 16.46
N PRO D 68 19.71 20.19 16.37
CA PRO D 68 18.86 21.31 16.00
C PRO D 68 18.17 21.11 14.64
N ALA D 69 16.97 21.67 14.49
CA ALA D 69 16.13 21.61 13.27
C ALA D 69 16.91 22.10 12.03
N VAL D 70 17.83 23.05 12.21
CA VAL D 70 18.62 23.62 11.08
C VAL D 70 19.65 22.58 10.59
N GLU D 71 19.92 21.53 11.37
CA GLU D 71 20.88 20.44 10.99
C GLU D 71 20.15 19.19 10.50
N ILE D 72 18.81 19.25 10.34
CA ILE D 72 18.00 18.12 9.80
C ILE D 72 17.41 18.55 8.46
N THR D 73 17.85 17.91 7.38
CA THR D 73 17.36 18.22 6.02
C THR D 73 16.14 17.36 5.71
N LEU D 74 15.38 17.75 4.69
CA LEU D 74 14.26 16.91 4.19
C LEU D 74 14.84 15.57 3.70
N LEU D 75 16.04 15.58 3.12
CA LEU D 75 16.64 14.34 2.57
C LEU D 75 16.92 13.35 3.73
N ASP D 76 17.38 13.88 4.87
CA ASP D 76 17.64 13.07 6.08
C ASP D 76 16.35 12.32 6.46
N VAL D 77 15.22 13.03 6.45
CA VAL D 77 13.92 12.44 6.89
C VAL D 77 13.41 11.46 5.83
N VAL D 78 13.43 11.85 4.56
CA VAL D 78 12.91 10.99 3.45
C VAL D 78 13.71 9.68 3.46
N GLN D 79 15.03 9.74 3.57
CA GLN D 79 15.90 8.53 3.53
C GLN D 79 15.72 7.71 4.82
N ALA D 80 15.44 8.36 5.97
CA ALA D 80 15.16 7.64 7.22
C ALA D 80 13.95 6.71 6.99
N VAL D 81 12.93 7.19 6.27
CA VAL D 81 11.64 6.46 6.10
C VAL D 81 11.75 5.49 4.91
N ASP D 82 12.16 5.96 3.75
CA ASP D 82 12.03 5.19 2.48
C ASP D 82 13.38 4.62 2.04
N GLY D 83 14.46 4.94 2.76
CA GLY D 83 15.80 4.39 2.49
C GLY D 83 16.48 5.09 1.33
N PRO D 84 17.70 4.64 0.96
CA PRO D 84 18.51 5.31 -0.07
C PRO D 84 18.38 4.82 -1.51
N ASP D 85 17.55 3.80 -1.79
CA ASP D 85 17.53 3.16 -3.15
C ASP D 85 16.99 4.16 -4.17
N PRO D 86 17.61 4.26 -5.37
CA PRO D 86 17.12 5.18 -6.40
C PRO D 86 15.88 4.67 -7.13
N ALA D 87 15.11 5.59 -7.69
CA ALA D 87 13.83 5.32 -8.39
C ALA D 87 14.12 4.51 -9.66
N PHE D 88 15.18 4.87 -10.38
CA PHE D 88 15.53 4.19 -11.65
C PHE D 88 16.63 3.15 -11.39
N VAL D 89 16.35 1.90 -11.76
CA VAL D 89 17.29 0.76 -11.58
C VAL D 89 17.69 0.26 -12.98
N CYS D 90 18.96 0.38 -13.33
CA CYS D 90 19.49 -0.17 -14.60
C CYS D 90 19.62 -1.69 -14.45
N THR D 91 19.06 -2.46 -15.38
CA THR D 91 19.17 -3.94 -15.40
C THR D 91 20.15 -4.38 -16.50
N GLU D 92 20.90 -3.44 -17.09
CA GLU D 92 21.98 -3.74 -18.07
C GLU D 92 21.40 -4.49 -19.28
N ILE D 93 20.26 -4.02 -19.81
CA ILE D 93 19.62 -4.61 -21.03
C ILE D 93 20.54 -4.43 -22.23
N ARG D 94 21.51 -3.50 -22.19
CA ARG D 94 22.51 -3.32 -23.28
C ARG D 94 23.43 -4.55 -23.42
N GLN D 95 23.46 -5.44 -22.43
CA GLN D 95 24.24 -6.70 -22.45
C GLN D 95 23.41 -7.84 -23.06
N ARG D 96 22.21 -7.55 -23.60
CA ARG D 96 21.28 -8.57 -24.18
C ARG D 96 21.45 -8.62 -25.70
N GLY D 97 21.19 -9.78 -26.31
CA GLY D 97 20.93 -9.91 -27.75
C GLY D 97 22.21 -10.00 -28.58
N PRO D 98 22.08 -10.13 -29.92
CA PRO D 98 23.23 -10.37 -30.79
C PRO D 98 24.22 -9.21 -30.95
N LEU D 99 23.83 -7.98 -30.58
CA LEU D 99 24.73 -6.79 -30.61
C LEU D 99 25.01 -6.34 -29.18
N ALA D 100 24.90 -7.26 -28.23
CA ALA D 100 25.17 -7.03 -26.79
C ALA D 100 26.51 -6.31 -26.63
N THR D 101 26.56 -5.29 -25.79
CA THR D 101 27.84 -4.70 -25.30
C THR D 101 28.52 -5.74 -24.41
N PRO D 102 29.74 -6.21 -24.73
CA PRO D 102 30.41 -7.19 -23.87
C PRO D 102 30.75 -6.56 -22.51
N PRO D 103 30.73 -7.33 -21.39
CA PRO D 103 30.98 -6.76 -20.07
C PRO D 103 32.28 -5.96 -19.92
N GLU D 104 33.35 -6.38 -20.61
CA GLU D 104 34.67 -5.69 -20.60
C GLU D 104 34.56 -4.27 -21.17
N LYS D 105 33.55 -3.98 -22.01
CA LYS D 105 33.32 -2.64 -22.59
C LYS D 105 32.29 -1.86 -21.78
N CYS D 106 31.77 -2.42 -20.69
CA CYS D 106 30.80 -1.74 -19.78
C CYS D 106 31.52 -1.20 -18.54
N THR D 107 32.61 -0.47 -18.76
CA THR D 107 33.43 0.12 -17.66
C THR D 107 32.64 1.28 -17.02
N LYS D 108 32.00 2.11 -17.84
CA LYS D 108 31.12 3.19 -17.36
C LYS D 108 29.68 2.72 -17.36
N ALA D 109 28.84 3.36 -16.55
CA ALA D 109 27.38 3.17 -16.55
C ALA D 109 26.83 3.54 -17.94
N CYS D 110 25.76 2.88 -18.34
CA CYS D 110 24.99 3.23 -19.55
C CYS D 110 24.67 4.72 -19.52
N PRO D 111 24.87 5.47 -20.62
CA PRO D 111 24.52 6.89 -20.66
C PRO D 111 23.07 7.17 -20.24
N ILE D 112 22.14 6.26 -20.56
CA ILE D 112 20.72 6.41 -20.15
C ILE D 112 20.66 6.36 -18.61
N ALA D 113 21.30 5.37 -17.99
CA ALA D 113 21.36 5.23 -16.50
C ALA D 113 21.98 6.50 -15.89
N ARG D 114 23.04 7.04 -16.51
CA ARG D 114 23.73 8.25 -15.99
C ARG D 114 22.78 9.45 -16.00
N ALA D 115 22.00 9.63 -17.08
CA ALA D 115 21.04 10.75 -17.22
C ALA D 115 19.93 10.60 -16.16
N MET D 116 19.41 9.39 -15.97
CA MET D 116 18.38 9.13 -14.93
C MET D 116 18.98 9.38 -13.54
N GLY D 117 20.26 9.02 -13.33
CA GLY D 117 20.96 9.27 -12.06
C GLY D 117 21.14 10.76 -11.80
N ALA D 118 21.42 11.55 -12.85
CA ALA D 118 21.57 13.02 -12.72
C ALA D 118 20.25 13.64 -12.28
N ALA D 119 19.11 13.15 -12.79
CA ALA D 119 17.77 13.66 -12.40
C ALA D 119 17.52 13.33 -10.92
N GLU D 120 17.88 12.13 -10.50
CA GLU D 120 17.74 11.69 -9.09
C GLU D 120 18.64 12.58 -8.21
N ALA D 121 19.86 12.92 -8.65
CA ALA D 121 20.77 13.82 -7.90
C ALA D 121 20.11 15.19 -7.68
N ALA D 122 19.39 15.72 -8.68
CA ALA D 122 18.69 17.02 -8.59
C ALA D 122 17.60 16.94 -7.52
N TRP D 123 16.84 15.85 -7.49
CA TRP D 123 15.78 15.62 -6.47
C TRP D 123 16.42 15.65 -5.07
N ARG D 124 17.51 14.90 -4.89
N ARG D 124 17.50 14.90 -4.89
CA ARG D 124 18.18 14.77 -3.58
CA ARG D 124 18.22 14.74 -3.60
C ARG D 124 18.76 16.13 -3.16
C ARG D 124 18.79 16.09 -3.16
N ALA D 125 19.36 16.86 -4.10
CA ALA D 125 19.98 18.17 -3.84
C ALA D 125 18.92 19.15 -3.32
N SER D 126 17.73 19.15 -3.92
CA SER D 126 16.60 20.01 -3.49
C SER D 126 16.19 19.66 -2.05
N LEU D 127 16.01 18.37 -1.75
CA LEU D 127 15.64 17.90 -0.39
C LEU D 127 16.76 18.24 0.61
N ALA D 128 18.03 18.10 0.21
CA ALA D 128 19.20 18.33 1.08
C ALA D 128 19.35 19.82 1.41
N ALA D 129 18.79 20.72 0.57
CA ALA D 129 18.99 22.19 0.64
C ALA D 129 17.93 22.84 1.53
N THR D 130 16.92 22.07 1.95
CA THR D 130 15.80 22.53 2.82
C THR D 130 15.91 21.80 4.16
N THR D 131 15.69 22.53 5.26
CA THR D 131 15.80 21.99 6.63
C THR D 131 14.44 22.04 7.32
N ILE D 132 14.33 21.35 8.44
CA ILE D 132 13.12 21.41 9.30
C ILE D 132 12.96 22.86 9.79
N ALA D 133 14.07 23.57 10.06
CA ALA D 133 14.04 24.99 10.47
C ALA D 133 13.37 25.84 9.39
N ASP D 134 13.67 25.59 8.10
CA ASP D 134 13.01 26.26 6.94
C ASP D 134 11.50 26.02 6.96
N LEU D 135 11.06 24.78 7.21
CA LEU D 135 9.61 24.46 7.26
C LEU D 135 8.96 25.25 8.40
N VAL D 136 9.60 25.29 9.57
CA VAL D 136 9.08 26.00 10.78
C VAL D 136 8.94 27.50 10.43
N ALA D 137 9.97 28.08 9.81
CA ALA D 137 9.98 29.51 9.40
C ALA D 137 8.79 29.80 8.48
N THR D 138 8.54 28.91 7.51
CA THR D 138 7.43 29.06 6.53
C THR D 138 6.08 28.96 7.25
N VAL D 139 5.94 28.00 8.18
CA VAL D 139 4.69 27.84 8.98
C VAL D 139 4.44 29.13 9.77
N ASP D 140 5.46 29.65 10.45
CA ASP D 140 5.37 30.92 11.22
C ASP D 140 4.84 32.04 10.29
N ASP D 141 5.42 32.15 9.09
CA ASP D 141 5.08 33.22 8.11
C ASP D 141 3.65 33.05 7.62
N GLU D 142 3.21 31.82 7.31
CA GLU D 142 1.90 31.57 6.64
C GLU D 142 0.76 31.31 7.62
N SER D 143 1.02 30.61 8.72
CA SER D 143 -0.01 30.25 9.74
C SER D 143 -0.02 31.30 10.86
N GLY D 144 0.97 32.21 10.87
CA GLY D 144 1.13 33.21 11.93
C GLY D 144 2.01 32.71 13.07
N PRO D 145 2.53 33.62 13.92
CA PRO D 145 3.48 33.25 14.96
C PRO D 145 2.91 32.36 16.08
N ASP D 146 1.59 32.24 16.18
CA ASP D 146 0.92 31.58 17.34
C ASP D 146 0.65 30.09 17.06
N ALA D 147 0.67 29.66 15.80
CA ALA D 147 0.23 28.31 15.37
C ALA D 147 1.12 27.23 16.00
N LEU D 148 2.43 27.23 15.73
CA LEU D 148 3.32 26.16 16.24
C LEU D 148 3.46 26.27 17.77
N PRO D 149 3.64 27.46 18.35
CA PRO D 149 3.66 27.58 19.82
C PRO D 149 2.42 26.99 20.50
N GLY D 150 1.25 27.10 19.86
CA GLY D 150 -0.01 26.51 20.36
C GLY D 150 0.09 25.00 20.42
N VAL D 151 0.65 24.40 19.37
CA VAL D 151 0.91 22.93 19.31
C VAL D 151 1.93 22.54 20.39
N GLY D 152 3.04 23.28 20.50
CA GLY D 152 4.09 23.07 21.51
C GLY D 152 3.51 23.09 22.93
N ALA D 153 2.71 24.10 23.24
CA ALA D 153 2.11 24.31 24.58
C ALA D 153 1.15 23.16 24.89
N TRP D 154 0.31 22.80 23.93
CA TRP D 154 -0.69 21.70 24.06
C TRP D 154 0.04 20.40 24.38
N LEU D 155 1.19 20.16 23.73
CA LEU D 155 1.95 18.88 23.88
C LEU D 155 2.65 18.77 25.24
N ILE D 156 3.24 19.84 25.75
CA ILE D 156 4.09 19.75 26.99
C ILE D 156 3.24 20.06 28.22
N GLU D 157 1.94 20.27 28.03
CA GLU D 157 1.03 20.64 29.12
C GLU D 157 1.12 19.60 30.25
FE1 FES E . -0.60 -17.61 -4.18
FE2 FES E . 0.07 -16.15 -6.29
S1 FES E . -1.22 -15.53 -4.56
S2 FES E . 0.79 -18.22 -5.86
C1 MPD F . 4.93 -15.40 -13.84
C2 MPD F . 3.51 -15.96 -13.75
O2 MPD F . 3.57 -17.03 -12.79
CM MPD F . 3.07 -16.57 -15.06
C3 MPD F . 2.52 -14.89 -13.26
C4 MPD F . 1.72 -15.26 -12.04
O4 MPD F . 2.47 -16.15 -11.21
C5 MPD F . 1.29 -14.05 -11.25
C1 MPD G . -13.06 -7.99 1.31
C2 MPD G . -13.10 -7.97 2.84
O2 MPD G . -14.43 -7.67 3.27
CM MPD G . -12.17 -6.88 3.35
C3 MPD G . -12.69 -9.36 3.37
C4 MPD G . -13.25 -9.81 4.69
O4 MPD G . -14.66 -10.03 4.60
C5 MPD G . -12.59 -11.07 5.17
C1 MPD H . -2.98 -19.39 -13.36
C2 MPD H . -1.56 -19.63 -12.84
O2 MPD H . -0.98 -18.35 -12.50
CM MPD H . -1.60 -20.47 -11.57
C3 MPD H . -0.68 -20.28 -13.91
C4 MPD H . 0.73 -19.74 -14.01
O4 MPD H . 1.31 -19.60 -12.71
C5 MPD H . 1.64 -20.59 -14.87
FE1 FES I . 20.22 0.11 -18.28
FE2 FES I . 20.89 1.45 -20.52
S1 FES I . 19.73 2.28 -18.76
S2 FES I . 21.41 -0.73 -19.95
C1 MPD J . 21.91 2.78 -25.72
C2 MPD J . 22.95 1.68 -25.94
O2 MPD J . 23.77 1.61 -24.77
CM MPD J . 22.27 0.32 -26.13
C3 MPD J . 23.87 2.04 -27.12
C4 MPD J . 24.71 0.90 -27.63
O4 MPD J . 23.92 0.07 -28.48
C5 MPD J . 25.93 1.36 -28.36
S SO4 K . 18.73 21.75 -14.58
O1 SO4 K . 19.09 23.07 -14.17
O2 SO4 K . 17.30 21.68 -14.78
O3 SO4 K . 19.10 20.81 -13.57
O4 SO4 K . 19.39 21.44 -15.80
NA NA L . 11.84 11.38 -7.70
C1 MPD M . 19.83 -2.57 -28.34
C2 MPD M . 19.47 -2.64 -26.87
O2 MPD M . 19.81 -1.34 -26.34
CM MPD M . 20.29 -3.70 -26.16
C3 MPD M . 17.97 -2.87 -26.61
C4 MPD M . 17.06 -2.22 -27.61
O4 MPD M . 15.72 -2.24 -27.15
C5 MPD M . 17.47 -0.80 -27.88
C1 MPD N . 1.45 16.21 13.35
C2 MPD N . 0.43 17.26 12.91
O2 MPD N . 1.14 18.30 12.21
CM MPD N . -0.60 16.64 11.98
C3 MPD N . -0.25 17.91 14.12
C4 MPD N . -0.70 19.34 13.95
O4 MPD N . -1.27 19.56 12.66
C5 MPD N . -1.70 19.75 14.98
FE1 FES O . -22.50 -4.75 18.42
FE2 FES O . -21.50 -2.93 20.14
S1 FES O . -20.42 -3.87 18.39
S2 FES O . -23.64 -3.81 20.10
C1 MPD P . -24.91 -2.10 27.38
C2 MPD P . -23.84 -2.42 28.41
O2 MPD P . -23.35 -3.74 28.13
CM MPD P . -24.43 -2.43 29.81
C3 MPD P . -22.64 -1.47 28.31
C4 MPD P . -22.36 -1.07 26.88
O4 MPD P . -23.09 0.10 26.53
C5 MPD P . -20.90 -0.86 26.58
C8 MES Q . -2.80 5.61 8.96
S MES Q . -4.20 5.26 9.98
O1S MES Q . -3.97 5.93 11.22
O2S MES Q . -5.34 5.79 9.28
O3S MES Q . -4.24 3.83 10.12
FE1 FES R . 0.22 16.74 3.86
FE2 FES R . 1.38 18.53 5.43
S1 FES R . -0.79 17.93 5.48
S2 FES R . 2.37 17.31 3.77
C1 MPD S . 0.51 21.99 9.26
C2 MPD S . 1.65 22.08 10.26
O2 MPD S . 1.57 20.95 11.16
CM MPD S . 2.99 22.00 9.56
C3 MPD S . 1.54 23.34 11.10
C4 MPD S . 0.55 23.25 12.21
O4 MPD S . 0.16 24.56 12.58
C5 MPD S . -0.69 22.44 11.94
#